data_4N94
#
_entry.id   4N94
#
_cell.length_a   40.740
_cell.length_b   64.510
_cell.length_c   71.720
_cell.angle_alpha   74.010
_cell.angle_beta   83.210
_cell.angle_gamma   84.540
#
_symmetry.space_group_name_H-M   'P 1'
#
loop_
_entity.id
_entity.type
_entity.pdbx_description
1 polymer 'DNA polymerase III subunit beta'
2 non-polymer 3,4-difluorobenzamide
3 non-polymer 'CHLORIDE ION'
4 non-polymer 'TETRAETHYLENE GLYCOL'
5 non-polymer 'CALCIUM ION'
6 non-polymer DI(HYDROXYETHYL)ETHER
7 non-polymer 1,2-ETHANEDIOL
8 water water
#
_entity_poly.entity_id   1
_entity_poly.type   'polypeptide(L)'
_entity_poly.pdbx_seq_one_letter_code
;MKFTVEREHLLKPLQQVSGPLGGRPTLPILGNLLLQVADGTLSLTGTDLEMEMVARVALVQPHEPGATTVPARKFFDICR
GLPEGAEIAVQLEGERMLVRSGRSRFSLSTLPAADFPNLDDWQSEVEFTLPQATMKRLIEATQFSMAHQDVRYYLNGMLF
ETEGEELRTVATDGHRLAVCSMPIGQSLPSHSVIVPRKGVIELMRMLDGGDNPLRVQIGSNNIRAHVGDFIFTSKLVDGR
FPDYRRVLPKNPDKHLEAGCDLLKQAFARAAILSNEKFRGVRLYVSENQLKITANNPEQEEAEEILDVTYSGAEMEIGFN
VSYVLDVLNALKCENVRMMLTDSVSSVQIEDAASQSAAYVVMPMRL
;
_entity_poly.pdbx_strand_id   A,B
#
loop_
_chem_comp.id
_chem_comp.type
_chem_comp.name
_chem_comp.formula
2HO non-polymer 3,4-difluorobenzamide 'C7 H5 F2 N O'
CA non-polymer 'CALCIUM ION' 'Ca 2'
CL non-polymer 'CHLORIDE ION' 'Cl -1'
EDO non-polymer 1,2-ETHANEDIOL 'C2 H6 O2'
PEG non-polymer DI(HYDROXYETHYL)ETHER 'C4 H10 O3'
PG4 non-polymer 'TETRAETHYLENE GLYCOL' 'C8 H18 O5'
#
# COMPACT_ATOMS: atom_id res chain seq x y z
N MET A 1 20.94 -22.90 -26.26
CA MET A 1 21.21 -22.05 -25.07
C MET A 1 20.82 -22.85 -23.84
N LYS A 2 21.78 -23.09 -22.96
CA LYS A 2 21.53 -23.85 -21.73
C LYS A 2 22.34 -23.27 -20.62
N PHE A 3 21.71 -23.00 -19.49
CA PHE A 3 22.47 -22.68 -18.32
C PHE A 3 21.86 -23.34 -17.08
N THR A 4 22.69 -23.51 -16.05
CA THR A 4 22.21 -23.85 -14.72
C THR A 4 22.80 -22.86 -13.71
N VAL A 5 21.93 -22.20 -12.96
CA VAL A 5 22.35 -21.16 -12.02
C VAL A 5 21.50 -21.19 -10.76
N GLU A 6 22.10 -20.77 -9.66
CA GLU A 6 21.41 -20.60 -8.40
CA GLU A 6 21.39 -20.61 -8.41
C GLU A 6 20.33 -19.52 -8.56
N ARG A 7 19.13 -19.80 -8.07
CA ARG A 7 18.09 -18.79 -7.97
C ARG A 7 18.63 -17.50 -7.36
N GLU A 8 19.44 -17.67 -6.31
CA GLU A 8 19.98 -16.57 -5.57
C GLU A 8 20.65 -15.52 -6.47
N HIS A 9 21.44 -15.99 -7.44
CA HIS A 9 22.17 -15.11 -8.37
C HIS A 9 21.30 -14.45 -9.43
N LEU A 10 20.08 -14.94 -9.63
CA LEU A 10 19.15 -14.35 -10.57
C LEU A 10 18.20 -13.28 -10.01
N LEU A 11 17.92 -13.33 -8.72
CA LEU A 11 16.84 -12.52 -8.14
C LEU A 11 16.99 -11.01 -8.36
N LYS A 12 18.13 -10.47 -7.95
CA LYS A 12 18.35 -9.04 -8.05
C LYS A 12 18.47 -8.61 -9.51
N PRO A 13 19.26 -9.31 -10.33
CA PRO A 13 19.19 -9.07 -11.78
C PRO A 13 17.77 -9.02 -12.35
N LEU A 14 16.96 -10.02 -12.03
CA LEU A 14 15.58 -10.03 -12.48
C LEU A 14 14.79 -8.84 -11.98
N GLN A 15 14.92 -8.52 -10.71
CA GLN A 15 14.30 -7.31 -10.16
C GLN A 15 14.59 -6.07 -11.02
N GLN A 16 15.85 -5.89 -11.41
CA GLN A 16 16.27 -4.65 -12.11
C GLN A 16 15.81 -4.58 -13.55
N VAL A 17 15.87 -5.71 -14.26
CA VAL A 17 15.51 -5.75 -15.67
C VAL A 17 14.03 -5.86 -15.93
N SER A 18 13.28 -6.32 -14.93
CA SER A 18 11.82 -6.32 -15.00
C SER A 18 11.31 -4.87 -14.99
N GLY A 19 12.17 -3.94 -14.59
CA GLY A 19 11.97 -2.50 -14.84
C GLY A 19 11.56 -2.15 -16.28
N PRO A 20 12.55 -1.92 -17.18
CA PRO A 20 12.23 -1.47 -18.54
C PRO A 20 11.81 -2.62 -19.45
N THR A 26 2.96 -2.04 -24.95
CA THR A 26 2.51 -1.51 -26.23
C THR A 26 2.90 -2.42 -27.39
N LEU A 27 3.95 -3.22 -27.18
CA LEU A 27 4.48 -4.13 -28.20
C LEU A 27 4.96 -5.39 -27.46
N PRO A 28 4.30 -6.55 -27.68
CA PRO A 28 4.47 -7.73 -26.82
C PRO A 28 5.90 -8.07 -26.40
N ILE A 29 6.85 -8.00 -27.34
CA ILE A 29 8.24 -8.36 -27.07
C ILE A 29 8.91 -7.44 -26.04
N LEU A 30 8.38 -6.23 -25.87
CA LEU A 30 8.84 -5.34 -24.81
C LEU A 30 8.49 -5.86 -23.42
N GLY A 31 7.54 -6.80 -23.34
CA GLY A 31 7.22 -7.48 -22.09
C GLY A 31 8.12 -8.70 -21.84
N ASN A 32 9.14 -8.88 -22.69
CA ASN A 32 10.04 -10.02 -22.63
C ASN A 32 11.42 -9.59 -22.21
N LEU A 33 12.16 -10.52 -21.61
CA LEU A 33 13.55 -10.34 -21.31
C LEU A 33 14.37 -11.01 -22.34
N LEU A 34 15.44 -10.36 -22.76
CA LEU A 34 16.43 -11.01 -23.58
C LEU A 34 17.41 -11.73 -22.69
N LEU A 35 17.60 -13.03 -22.96
CA LEU A 35 18.60 -13.84 -22.28
C LEU A 35 19.68 -14.24 -23.29
N GLN A 36 20.94 -14.02 -22.93
CA GLN A 36 22.07 -14.35 -23.78
C GLN A 36 23.12 -15.04 -22.97
N VAL A 37 23.61 -16.18 -23.46
CA VAL A 37 24.74 -16.85 -22.87
C VAL A 37 25.87 -16.71 -23.86
N ALA A 38 26.97 -16.15 -23.39
CA ALA A 38 28.15 -15.91 -24.20
C ALA A 38 29.29 -15.69 -23.24
N ASP A 39 30.47 -16.20 -23.60
CA ASP A 39 31.70 -16.12 -22.79
C ASP A 39 31.50 -16.23 -21.29
N GLY A 40 30.88 -17.33 -20.84
CA GLY A 40 30.75 -17.61 -19.40
C GLY A 40 29.76 -16.74 -18.65
N THR A 41 28.90 -16.02 -19.38
CA THR A 41 28.05 -15.01 -18.80
C THR A 41 26.64 -15.16 -19.28
N LEU A 42 25.69 -15.00 -18.37
CA LEU A 42 24.28 -14.81 -18.71
C LEU A 42 24.00 -13.34 -18.61
N SER A 43 23.48 -12.75 -19.68
CA SER A 43 23.06 -11.37 -19.67
C SER A 43 21.53 -11.34 -19.76
N LEU A 44 20.91 -10.46 -18.98
CA LEU A 44 19.46 -10.29 -18.97
C LEU A 44 19.19 -8.82 -19.29
N THR A 45 18.41 -8.58 -20.34
CA THR A 45 18.09 -7.22 -20.78
C THR A 45 16.57 -7.01 -20.85
N GLY A 46 16.14 -5.90 -20.26
CA GLY A 46 14.79 -5.41 -20.34
C GLY A 46 14.82 -4.05 -20.98
N THR A 47 13.84 -3.74 -21.82
CA THR A 47 13.77 -2.45 -22.50
C THR A 47 12.33 -2.04 -22.68
N ASP A 48 12.12 -0.74 -22.80
CA ASP A 48 10.82 -0.22 -23.21
C ASP A 48 10.96 0.69 -24.43
N LEU A 49 12.08 0.53 -25.12
CA LEU A 49 12.50 1.37 -26.25
C LEU A 49 13.04 2.75 -25.89
N GLU A 50 12.64 3.30 -24.74
CA GLU A 50 13.18 4.60 -24.27
C GLU A 50 14.42 4.36 -23.41
N MET A 51 14.36 3.30 -22.62
CA MET A 51 15.46 2.92 -21.74
C MET A 51 15.61 1.43 -21.68
N GLU A 52 16.78 0.99 -21.23
CA GLU A 52 17.11 -0.40 -21.19
C GLU A 52 17.97 -0.63 -19.95
N MET A 53 17.82 -1.82 -19.37
CA MET A 53 18.67 -2.26 -18.27
C MET A 53 19.26 -3.60 -18.59
N VAL A 54 20.58 -3.69 -18.46
CA VAL A 54 21.31 -4.91 -18.75
C VAL A 54 21.98 -5.41 -17.48
N ALA A 55 21.74 -6.67 -17.12
CA ALA A 55 22.41 -7.27 -15.95
C ALA A 55 23.15 -8.52 -16.35
N ARG A 56 24.28 -8.80 -15.69
CA ARG A 56 25.09 -9.95 -16.04
C ARG A 56 25.27 -10.86 -14.85
N VAL A 57 25.28 -12.17 -15.14
CA VAL A 57 25.44 -13.18 -14.14
C VAL A 57 26.53 -14.11 -14.64
N ALA A 58 27.51 -14.41 -13.81
CA ALA A 58 28.53 -15.39 -14.19
C ALA A 58 27.99 -16.84 -14.12
N LEU A 59 28.34 -17.63 -15.12
CA LEU A 59 27.91 -19.01 -15.26
C LEU A 59 29.09 -19.96 -15.04
N VAL A 60 29.18 -20.56 -13.87
CA VAL A 60 30.24 -21.54 -13.58
C VAL A 60 29.85 -22.97 -13.95
N GLN A 61 28.56 -23.27 -13.90
CA GLN A 61 28.10 -24.62 -14.19
C GLN A 61 28.11 -24.75 -15.71
N PRO A 62 28.11 -25.99 -16.24
CA PRO A 62 28.09 -26.17 -17.70
C PRO A 62 27.02 -25.32 -18.33
N HIS A 63 27.33 -24.76 -19.50
CA HIS A 63 26.44 -23.87 -20.21
C HIS A 63 26.69 -23.90 -21.72
N GLU A 64 25.69 -23.54 -22.50
CA GLU A 64 25.81 -23.54 -23.95
C GLU A 64 25.35 -22.20 -24.50
N PRO A 65 26.14 -21.62 -25.41
CA PRO A 65 25.82 -20.25 -25.83
C PRO A 65 24.53 -20.16 -26.60
N GLY A 66 23.98 -18.96 -26.59
CA GLY A 66 22.82 -18.69 -27.39
C GLY A 66 21.95 -17.71 -26.68
N ALA A 67 20.78 -17.48 -27.26
CA ALA A 67 19.93 -16.43 -26.80
C ALA A 67 18.49 -16.70 -27.19
N THR A 68 17.57 -16.12 -26.40
CA THR A 68 16.15 -16.15 -26.67
C THR A 68 15.57 -14.98 -25.89
N THR A 69 14.27 -14.72 -26.06
CA THR A 69 13.56 -13.82 -25.16
C THR A 69 12.34 -14.53 -24.60
N VAL A 70 12.02 -14.21 -23.35
CA VAL A 70 10.90 -14.83 -22.67
C VAL A 70 10.08 -13.79 -21.93
N PRO A 71 8.79 -14.08 -21.71
CA PRO A 71 7.96 -13.27 -20.80
C PRO A 71 8.69 -12.91 -19.48
N ALA A 72 8.88 -11.63 -19.24
CA ALA A 72 9.70 -11.19 -18.11
C ALA A 72 9.01 -11.43 -16.77
N ARG A 73 7.75 -11.02 -16.65
CA ARG A 73 7.06 -11.11 -15.36
C ARG A 73 6.86 -12.59 -14.95
N LYS A 74 6.45 -13.40 -15.92
CA LYS A 74 6.31 -14.86 -15.71
C LYS A 74 7.65 -15.49 -15.33
N PHE A 75 8.71 -15.20 -16.08
CA PHE A 75 10.04 -15.77 -15.74
C PHE A 75 10.48 -15.34 -14.35
N PHE A 76 10.32 -14.05 -14.05
CA PHE A 76 10.65 -13.52 -12.73
C PHE A 76 9.82 -14.15 -11.63
N ASP A 77 8.50 -14.23 -11.82
CA ASP A 77 7.62 -14.83 -10.82
C ASP A 77 7.94 -16.31 -10.56
N ILE A 78 8.22 -17.05 -11.62
CA ILE A 78 8.67 -18.45 -11.47
C ILE A 78 9.93 -18.57 -10.60
N CYS A 79 10.96 -17.82 -10.94
CA CYS A 79 12.22 -17.82 -10.19
C CYS A 79 12.02 -17.40 -8.73
N ARG A 80 11.30 -16.30 -8.53
CA ARG A 80 11.01 -15.76 -7.20
CA ARG A 80 11.05 -15.79 -7.18
C ARG A 80 10.24 -16.82 -6.41
N GLY A 81 9.37 -17.52 -7.14
CA GLY A 81 8.47 -18.51 -6.58
C GLY A 81 9.12 -19.79 -6.10
N LEU A 82 10.24 -20.13 -6.71
CA LEU A 82 10.98 -21.28 -6.27
C LEU A 82 11.56 -21.07 -4.86
N PRO A 83 11.81 -22.16 -4.14
CA PRO A 83 12.30 -22.05 -2.76
C PRO A 83 13.70 -21.53 -2.68
N GLU A 84 14.03 -20.92 -1.55
CA GLU A 84 15.36 -20.40 -1.34
C GLU A 84 16.37 -21.54 -1.44
N GLY A 85 17.51 -21.26 -2.04
CA GLY A 85 18.51 -22.29 -2.27
C GLY A 85 18.31 -23.11 -3.53
N ALA A 86 17.21 -22.89 -4.25
CA ALA A 86 16.94 -23.64 -5.47
C ALA A 86 17.94 -23.36 -6.58
N GLU A 87 18.15 -24.35 -7.43
CA GLU A 87 18.93 -24.18 -8.61
C GLU A 87 18.01 -24.25 -9.81
N ILE A 88 18.33 -23.47 -10.83
CA ILE A 88 17.43 -23.26 -11.91
C ILE A 88 18.13 -23.62 -13.19
N ALA A 89 17.62 -24.63 -13.86
CA ALA A 89 18.21 -25.13 -15.08
C ALA A 89 17.31 -24.71 -16.23
N VAL A 90 17.92 -24.11 -17.23
CA VAL A 90 17.21 -23.57 -18.38
C VAL A 90 17.73 -24.19 -19.66
N GLN A 91 16.85 -24.59 -20.56
CA GLN A 91 17.29 -24.96 -21.88
C GLN A 91 16.30 -24.48 -22.93
N LEU A 92 16.84 -24.00 -24.04
CA LEU A 92 16.03 -23.49 -25.12
C LEU A 92 15.63 -24.65 -26.01
N GLU A 93 14.34 -24.81 -26.21
CA GLU A 93 13.80 -25.87 -27.04
C GLU A 93 12.91 -25.25 -28.10
N GLY A 94 13.52 -24.50 -29.00
CA GLY A 94 12.81 -23.95 -30.16
C GLY A 94 11.93 -22.78 -29.78
N GLU A 95 10.62 -22.95 -29.90
CA GLU A 95 9.69 -21.88 -29.54
C GLU A 95 9.31 -21.97 -28.06
N ARG A 96 10.01 -22.80 -27.30
CA ARG A 96 9.77 -22.85 -25.87
C ARG A 96 11.08 -22.78 -25.12
N MET A 97 11.05 -22.19 -23.93
CA MET A 97 12.17 -22.28 -23.02
C MET A 97 11.74 -23.12 -21.84
N LEU A 98 12.46 -24.20 -21.59
CA LEU A 98 12.20 -25.07 -20.44
C LEU A 98 12.94 -24.55 -19.21
N VAL A 99 12.27 -24.50 -18.06
CA VAL A 99 12.87 -24.13 -16.79
C VAL A 99 12.61 -25.26 -15.81
N ARG A 100 13.66 -25.77 -15.17
CA ARG A 100 13.49 -26.85 -14.22
C ARG A 100 14.28 -26.58 -12.96
N SER A 101 13.64 -26.92 -11.85
CA SER A 101 14.21 -26.78 -10.55
C SER A 101 13.44 -27.76 -9.66
N GLY A 102 14.18 -28.62 -8.97
CA GLY A 102 13.59 -29.80 -8.28
C GLY A 102 12.59 -30.54 -9.16
N ARG A 103 11.37 -30.70 -8.66
CA ARG A 103 10.31 -31.33 -9.43
C ARG A 103 9.28 -30.29 -9.93
N SER A 104 9.75 -29.05 -10.09
CA SER A 104 8.95 -28.01 -10.71
C SER A 104 9.42 -27.80 -12.13
N ARG A 105 8.49 -27.85 -13.08
CA ARG A 105 8.87 -27.71 -14.45
C ARG A 105 7.99 -26.69 -15.13
N PHE A 106 8.62 -25.92 -16.02
CA PHE A 106 7.94 -24.85 -16.74
C PHE A 106 8.41 -24.80 -18.16
N SER A 107 7.46 -24.55 -19.05
CA SER A 107 7.71 -24.28 -20.44
C SER A 107 7.09 -22.90 -20.76
N LEU A 108 7.96 -21.93 -21.08
CA LEU A 108 7.54 -20.59 -21.43
C LEU A 108 7.62 -20.37 -22.94
N SER A 109 6.70 -19.61 -23.51
CA SER A 109 6.83 -19.32 -24.94
C SER A 109 8.06 -18.42 -25.11
N THR A 110 8.49 -18.23 -26.34
CA THR A 110 9.66 -17.40 -26.65
C THR A 110 9.39 -16.53 -27.84
N LEU A 111 10.08 -15.40 -27.91
CA LEU A 111 10.23 -14.68 -29.17
C LEU A 111 11.72 -14.65 -29.51
N PRO A 112 12.03 -14.55 -30.81
CA PRO A 112 13.42 -14.64 -31.19
C PRO A 112 14.24 -13.47 -30.66
N ALA A 113 15.45 -13.78 -30.21
CA ALA A 113 16.41 -12.79 -29.76
C ALA A 113 16.69 -11.74 -30.84
N ALA A 114 16.65 -12.18 -32.10
CA ALA A 114 16.82 -11.30 -33.26
C ALA A 114 15.80 -10.17 -33.31
N ASP A 115 14.60 -10.43 -32.78
CA ASP A 115 13.53 -9.44 -32.79
C ASP A 115 13.63 -8.42 -31.66
N PHE A 116 14.54 -8.64 -30.70
CA PHE A 116 14.56 -7.80 -29.50
C PHE A 116 15.09 -6.45 -29.90
N PRO A 117 14.45 -5.36 -29.47
CA PRO A 117 14.94 -4.03 -29.83
C PRO A 117 16.26 -3.64 -29.19
N ASN A 118 17.13 -2.98 -29.97
CA ASN A 118 18.35 -2.34 -29.47
C ASN A 118 18.18 -0.83 -29.45
N LEU A 119 18.88 -0.16 -28.56
CA LEU A 119 18.98 1.30 -28.61
C LEU A 119 20.04 1.67 -29.65
N ASP A 121 23.16 2.40 -31.74
CA ASP A 121 24.37 2.78 -30.98
C ASP A 121 24.59 4.28 -30.99
N TRP A 122 25.42 4.72 -30.06
CA TRP A 122 25.66 6.14 -29.84
C TRP A 122 27.05 6.28 -29.26
N GLN A 123 27.51 7.51 -29.09
CA GLN A 123 28.86 7.71 -28.59
C GLN A 123 28.79 8.59 -27.37
N SER A 124 29.66 8.27 -26.42
CA SER A 124 29.77 9.01 -25.18
C SER A 124 30.57 10.29 -25.45
N GLU A 125 30.12 11.40 -24.85
CA GLU A 125 30.76 12.73 -24.94
C GLU A 125 31.30 13.23 -23.62
N VAL A 126 30.67 12.84 -22.51
CA VAL A 126 31.08 13.24 -21.18
C VAL A 126 31.05 12.02 -20.26
N GLU A 127 32.10 11.85 -19.46
CA GLU A 127 32.24 10.70 -18.61
C GLU A 127 32.83 11.08 -17.26
N PHE A 128 32.27 10.51 -16.21
CA PHE A 128 32.78 10.74 -14.88
C PHE A 128 32.26 9.63 -13.99
N THR A 129 32.94 9.44 -12.85
CA THR A 129 32.55 8.45 -11.86
CA THR A 129 32.55 8.45 -11.87
C THR A 129 32.19 9.21 -10.58
N LEU A 130 31.26 8.68 -9.82
CA LEU A 130 30.85 9.25 -8.55
C LEU A 130 30.28 8.17 -7.65
N PRO A 131 30.28 8.40 -6.32
CA PRO A 131 29.66 7.36 -5.51
C PRO A 131 28.15 7.30 -5.76
N GLN A 132 27.61 6.08 -5.70
CA GLN A 132 26.16 5.90 -5.75
C GLN A 132 25.48 6.88 -4.86
N ALA A 133 25.99 6.97 -3.64
CA ALA A 133 25.38 7.78 -2.60
C ALA A 133 25.20 9.24 -3.01
N THR A 134 26.13 9.76 -3.79
CA THR A 134 26.08 11.14 -4.26
C THR A 134 24.99 11.29 -5.32
N MET A 135 24.92 10.33 -6.23
CA MET A 135 23.89 10.34 -7.28
C MET A 135 22.49 10.17 -6.65
N LYS A 136 22.39 9.31 -5.64
CA LYS A 136 21.14 9.16 -4.89
C LYS A 136 20.73 10.45 -4.23
N ARG A 137 21.69 11.10 -3.57
CA ARG A 137 21.47 12.40 -2.94
C ARG A 137 20.93 13.42 -3.93
N LEU A 138 21.56 13.48 -5.10
CA LEU A 138 21.19 14.44 -6.13
C LEU A 138 19.78 14.24 -6.58
N ILE A 139 19.41 13.00 -6.84
CA ILE A 139 18.07 12.70 -7.37
C ILE A 139 16.99 12.84 -6.32
N GLU A 140 17.25 12.40 -5.09
CA GLU A 140 16.25 12.53 -4.00
C GLU A 140 15.96 13.99 -3.67
N ALA A 141 16.99 14.84 -3.77
CA ALA A 141 16.83 16.22 -3.38
C ALA A 141 15.89 16.96 -4.35
N THR A 142 15.71 16.42 -5.55
CA THR A 142 15.09 17.18 -6.60
C THR A 142 13.91 16.49 -7.31
N GLN A 143 13.85 15.17 -7.28
CA GLN A 143 12.94 14.37 -8.11
C GLN A 143 11.48 14.77 -7.98
N PHE A 144 11.07 15.13 -6.78
CA PHE A 144 9.66 15.45 -6.52
C PHE A 144 9.17 16.72 -7.25
N SER A 145 10.09 17.55 -7.74
CA SER A 145 9.75 18.75 -8.49
C SER A 145 9.67 18.54 -9.99
N MET A 146 9.94 17.32 -10.47
CA MET A 146 9.71 17.03 -11.90
C MET A 146 8.21 17.19 -12.20
N ALA A 147 7.91 17.76 -13.37
CA ALA A 147 6.57 17.68 -13.91
C ALA A 147 6.25 16.21 -14.25
N HIS A 148 4.97 15.89 -14.33
CA HIS A 148 4.57 14.50 -14.57
C HIS A 148 4.19 14.26 -16.02
N GLN A 149 3.18 14.98 -16.49
CA GLN A 149 2.63 14.74 -17.82
C GLN A 149 2.36 16.09 -18.43
N ASP A 150 3.38 16.93 -18.40
CA ASP A 150 3.26 18.28 -18.89
C ASP A 150 3.43 18.28 -20.39
N VAL A 151 2.70 19.18 -21.06
CA VAL A 151 2.79 19.31 -22.52
C VAL A 151 4.19 19.80 -22.95
N ARG A 152 4.89 20.54 -22.08
CA ARG A 152 6.33 20.78 -22.27
C ARG A 152 7.12 19.57 -21.80
N TYR A 153 7.23 18.62 -22.71
CA TYR A 153 7.96 17.38 -22.55
C TYR A 153 9.25 17.51 -21.73
N TYR A 154 10.06 18.53 -22.00
CA TYR A 154 11.37 18.74 -21.36
C TYR A 154 11.31 18.95 -19.85
N LEU A 155 10.13 19.24 -19.31
CA LEU A 155 9.93 19.35 -17.87
C LEU A 155 9.58 18.02 -17.22
N ASN A 156 9.16 17.04 -18.02
CA ASN A 156 8.90 15.70 -17.52
C ASN A 156 10.20 14.90 -17.33
N GLY A 157 11.07 15.41 -16.49
CA GLY A 157 12.35 14.80 -16.33
C GLY A 157 13.23 15.68 -15.51
N MET A 158 14.52 15.41 -15.60
CA MET A 158 15.46 16.04 -14.70
C MET A 158 16.71 16.47 -15.46
N LEU A 159 17.10 17.72 -15.29
CA LEU A 159 18.38 18.21 -15.80
C LEU A 159 19.53 17.64 -15.01
N PHE A 160 20.50 17.04 -15.72
CA PHE A 160 21.80 16.73 -15.14
C PHE A 160 22.84 17.66 -15.79
N GLU A 161 23.50 18.42 -14.94
CA GLU A 161 24.41 19.45 -15.41
C GLU A 161 25.76 19.26 -14.76
N THR A 162 26.81 19.31 -15.58
CA THR A 162 28.15 19.30 -15.06
C THR A 162 28.68 20.71 -15.14
N GLU A 163 29.32 21.17 -14.08
CA GLU A 163 29.91 22.51 -14.05
C GLU A 163 31.08 22.52 -13.11
N GLY A 164 32.26 22.91 -13.61
CA GLY A 164 33.46 22.88 -12.78
C GLY A 164 33.74 21.47 -12.28
N GLU A 165 33.67 21.26 -10.95
CA GLU A 165 33.91 19.97 -10.31
C GLU A 165 32.60 19.44 -9.69
N GLU A 166 31.47 19.99 -10.12
CA GLU A 166 30.18 19.60 -9.58
C GLU A 166 29.28 18.94 -10.60
N LEU A 167 28.51 17.99 -10.10
CA LEU A 167 27.31 17.53 -10.78
C LEU A 167 26.10 18.14 -10.08
N ARG A 168 25.12 18.53 -10.87
CA ARG A 168 23.94 19.23 -10.41
C ARG A 168 22.72 18.63 -11.05
N THR A 169 21.66 18.46 -10.26
CA THR A 169 20.36 18.16 -10.76
C THR A 169 19.45 19.39 -10.59
N VAL A 170 18.59 19.58 -11.60
CA VAL A 170 17.51 20.57 -11.57
C VAL A 170 16.21 19.90 -12.02
N ALA A 171 15.12 20.20 -11.29
CA ALA A 171 13.78 19.69 -11.64
C ALA A 171 12.82 20.80 -11.36
N THR A 172 11.90 21.03 -12.29
CA THR A 172 10.86 22.01 -12.09
C THR A 172 9.61 21.66 -12.87
N ASP A 173 8.45 22.09 -12.37
CA ASP A 173 7.20 21.89 -13.06
C ASP A 173 6.57 23.21 -13.46
N GLY A 174 7.38 24.25 -13.43
CA GLY A 174 6.95 25.62 -13.68
C GLY A 174 6.36 26.37 -12.51
N HIS A 175 6.09 25.68 -11.40
CA HIS A 175 5.49 26.28 -10.21
C HIS A 175 6.43 26.20 -9.03
N ARG A 176 7.20 25.14 -9.00
CA ARG A 176 8.23 24.98 -7.99
C ARG A 176 9.45 24.36 -8.63
N LEU A 177 10.61 24.71 -8.09
CA LEU A 177 11.88 24.28 -8.65
C LEU A 177 12.78 23.75 -7.57
N ALA A 178 13.59 22.73 -7.90
CA ALA A 178 14.55 22.14 -6.95
C ALA A 178 15.91 21.99 -7.63
N VAL A 179 16.97 22.43 -6.96
CA VAL A 179 18.32 22.33 -7.49
C VAL A 179 19.28 21.83 -6.44
N CYS A 180 20.13 20.89 -6.81
CA CYS A 180 21.12 20.32 -5.89
C CYS A 180 22.43 20.07 -6.59
N SER A 181 23.53 20.46 -5.95
CA SER A 181 24.88 20.27 -6.51
C SER A 181 25.75 19.55 -5.51
N MET A 182 26.60 18.65 -6.00
CA MET A 182 27.52 17.92 -5.17
C MET A 182 28.88 17.90 -5.88
N PRO A 183 29.98 17.88 -5.11
CA PRO A 183 31.29 17.83 -5.75
C PRO A 183 31.60 16.42 -6.23
N ILE A 184 32.29 16.31 -7.34
CA ILE A 184 32.72 14.97 -7.76
C ILE A 184 34.27 14.84 -7.86
N GLY A 185 35.01 15.93 -7.67
CA GLY A 185 36.46 15.82 -7.49
C GLY A 185 37.24 15.58 -8.77
N GLN A 186 36.60 15.89 -9.90
CA GLN A 186 37.20 15.74 -11.22
C GLN A 186 36.85 17.04 -11.90
N SER A 187 37.77 17.63 -12.64
CA SER A 187 37.47 18.83 -13.41
C SER A 187 36.59 18.43 -14.60
N LEU A 188 35.45 19.09 -14.78
CA LEU A 188 34.45 18.67 -15.74
C LEU A 188 34.12 19.71 -16.79
N PRO A 189 33.79 19.26 -17.99
CA PRO A 189 33.28 20.15 -19.01
C PRO A 189 31.91 20.64 -18.60
N SER A 190 31.59 21.88 -18.99
CA SER A 190 30.25 22.44 -18.76
C SER A 190 29.30 21.80 -19.75
N HIS A 191 28.31 21.09 -19.21
CA HIS A 191 27.38 20.34 -20.02
C HIS A 191 26.04 20.11 -19.30
N SER A 192 24.95 20.03 -20.07
CA SER A 192 23.59 19.84 -19.56
C SER A 192 22.77 18.91 -20.44
N VAL A 193 22.11 17.93 -19.83
CA VAL A 193 21.15 17.08 -20.51
C VAL A 193 19.92 16.84 -19.63
N ILE A 194 18.82 16.50 -20.28
CA ILE A 194 17.57 16.18 -19.62
C ILE A 194 17.25 14.68 -19.69
N VAL A 195 17.11 14.05 -18.53
CA VAL A 195 16.80 12.63 -18.44
C VAL A 195 15.29 12.49 -18.19
N PRO A 196 14.57 11.68 -18.99
CA PRO A 196 13.11 11.57 -18.77
C PRO A 196 12.81 10.99 -17.41
N ARG A 197 11.66 11.37 -16.87
CA ARG A 197 11.29 10.98 -15.54
C ARG A 197 11.30 9.50 -15.26
N LYS A 198 10.85 8.70 -16.22
CA LYS A 198 10.85 7.27 -16.04
C LYS A 198 12.28 6.73 -15.92
N GLY A 199 13.19 7.33 -16.68
CA GLY A 199 14.62 7.10 -16.57
C GLY A 199 15.25 7.48 -15.24
N VAL A 200 14.87 8.64 -14.72
CA VAL A 200 15.31 9.08 -13.39
C VAL A 200 14.90 8.02 -12.35
N ILE A 201 13.64 7.60 -12.44
CA ILE A 201 13.07 6.64 -11.51
C ILE A 201 13.84 5.32 -11.59
N GLU A 202 14.08 4.83 -12.79
CA GLU A 202 14.78 3.57 -12.98
C GLU A 202 16.26 3.65 -12.52
N LEU A 203 16.90 4.79 -12.78
CA LEU A 203 18.26 5.00 -12.33
C LEU A 203 18.35 4.97 -10.83
N MET A 204 17.44 5.69 -10.17
CA MET A 204 17.40 5.71 -8.73
C MET A 204 17.18 4.31 -8.15
N ARG A 205 16.35 3.50 -8.80
CA ARG A 205 16.09 2.13 -8.32
C ARG A 205 17.29 1.21 -8.46
N MET A 206 18.20 1.54 -9.35
CA MET A 206 19.40 0.74 -9.52
C MET A 206 20.40 0.97 -8.37
N LEU A 207 20.19 2.03 -7.60
CA LEU A 207 21.16 2.47 -6.61
C LEU A 207 20.76 2.00 -5.22
N ASP A 208 21.49 1.04 -4.65
CA ASP A 208 21.16 0.51 -3.31
C ASP A 208 21.84 1.17 -2.11
N GLY A 209 22.55 2.27 -2.30
CA GLY A 209 23.29 2.89 -1.19
C GLY A 209 24.41 2.08 -0.51
N GLY A 210 24.86 1.00 -1.13
CA GLY A 210 26.15 0.40 -0.77
C GLY A 210 27.24 1.31 -1.31
N ASP A 211 28.47 1.07 -0.86
CA ASP A 211 29.64 1.79 -1.40
C ASP A 211 29.99 1.15 -2.73
N ASN A 212 29.70 1.85 -3.80
CA ASN A 212 29.88 1.30 -5.13
C ASN A 212 30.06 2.51 -6.04
N PRO A 213 31.16 2.56 -6.81
CA PRO A 213 31.27 3.66 -7.78
C PRO A 213 30.21 3.51 -8.88
N LEU A 214 29.61 4.63 -9.30
CA LEU A 214 28.72 4.68 -10.45
C LEU A 214 29.50 5.36 -11.55
N ARG A 215 29.60 4.76 -12.74
CA ARG A 215 30.23 5.37 -13.89
C ARG A 215 29.12 5.89 -14.78
N VAL A 216 29.21 7.15 -15.18
CA VAL A 216 28.24 7.77 -16.05
C VAL A 216 28.86 8.15 -17.37
N GLN A 217 28.12 7.92 -18.44
CA GLN A 217 28.53 8.31 -19.77
C GLN A 217 27.36 9.01 -20.40
N ILE A 218 27.58 10.25 -20.84
CA ILE A 218 26.53 11.05 -21.47
C ILE A 218 26.86 11.31 -22.95
N GLY A 219 25.95 10.93 -23.84
CA GLY A 219 26.08 11.27 -25.25
C GLY A 219 25.16 12.43 -25.61
N SER A 220 25.03 12.69 -26.91
CA SER A 220 24.13 13.76 -27.35
C SER A 220 22.68 13.40 -27.08
N ASN A 221 22.36 12.09 -27.14
CA ASN A 221 20.97 11.63 -27.06
C ASN A 221 20.69 10.55 -26.05
N ASN A 222 21.68 10.23 -25.24
CA ASN A 222 21.59 9.10 -24.34
C ASN A 222 22.38 9.36 -23.09
N ILE A 223 22.03 8.63 -22.04
CA ILE A 223 22.81 8.59 -20.84
C ILE A 223 22.89 7.13 -20.41
N ARG A 224 24.08 6.76 -19.91
CA ARG A 224 24.33 5.43 -19.42
C ARG A 224 24.96 5.52 -18.05
N ALA A 225 24.52 4.62 -17.16
CA ALA A 225 25.08 4.50 -15.82
C ALA A 225 25.44 3.04 -15.58
N HIS A 226 26.71 2.80 -15.18
CA HIS A 226 27.20 1.49 -14.83
C HIS A 226 27.34 1.39 -13.31
N VAL A 227 26.72 0.40 -12.67
CA VAL A 227 27.04 0.12 -11.26
C VAL A 227 27.04 -1.39 -11.00
N GLY A 228 28.09 -1.88 -10.32
CA GLY A 228 28.24 -3.32 -10.15
C GLY A 228 28.17 -4.00 -11.50
N ASP A 229 27.32 -5.02 -11.62
CA ASP A 229 27.19 -5.77 -12.88
C ASP A 229 25.97 -5.30 -13.69
N PHE A 230 25.51 -4.08 -13.46
CA PHE A 230 24.33 -3.55 -14.16
C PHE A 230 24.69 -2.38 -15.05
N ILE A 231 24.02 -2.31 -16.19
CA ILE A 231 24.15 -1.18 -17.08
C ILE A 231 22.78 -0.68 -17.49
N PHE A 232 22.55 0.59 -17.19
CA PHE A 232 21.32 1.30 -17.50
C PHE A 232 21.58 2.36 -18.55
N THR A 233 20.70 2.44 -19.54
CA THR A 233 20.82 3.38 -20.65
C THR A 233 19.42 3.95 -20.86
N SER A 234 19.35 5.27 -20.99
CA SER A 234 18.13 5.96 -21.32
C SER A 234 18.43 6.90 -22.47
N LYS A 235 17.40 7.13 -23.28
CA LYS A 235 17.41 8.28 -24.15
C LYS A 235 17.27 9.53 -23.30
N LEU A 236 17.70 10.63 -23.89
CA LEU A 236 17.58 11.94 -23.26
C LEU A 236 16.36 12.60 -23.85
N VAL A 237 15.89 13.65 -23.17
CA VAL A 237 14.79 14.48 -23.67
C VAL A 237 15.37 15.70 -24.38
N ASP A 238 14.80 16.00 -25.53
CA ASP A 238 15.39 16.87 -26.53
C ASP A 238 14.73 18.27 -26.51
N GLY A 239 15.06 19.09 -25.51
CA GLY A 239 14.45 20.44 -25.37
C GLY A 239 15.28 21.47 -24.61
N ARG A 240 14.70 22.63 -24.30
CA ARG A 240 15.46 23.72 -23.65
C ARG A 240 15.02 23.88 -22.19
N PHE A 241 15.85 23.37 -21.27
CA PHE A 241 15.50 23.37 -19.87
C PHE A 241 15.69 24.78 -19.29
N PRO A 242 14.75 25.25 -18.46
CA PRO A 242 14.95 26.56 -17.84
C PRO A 242 16.20 26.67 -16.96
N ASP A 243 16.71 27.88 -16.87
CA ASP A 243 17.91 28.22 -16.14
C ASP A 243 17.62 28.52 -14.67
N TYR A 244 17.91 27.56 -13.80
CA TYR A 244 17.70 27.76 -12.38
C TYR A 244 18.19 29.12 -11.89
N ARG A 245 19.30 29.62 -12.43
CA ARG A 245 19.89 30.88 -11.98
C ARG A 245 18.93 32.04 -12.11
N ARG A 246 18.07 31.97 -13.13
CA ARG A 246 17.06 33.00 -13.41
C ARG A 246 15.81 32.81 -12.57
N VAL A 247 15.70 31.68 -11.88
CA VAL A 247 14.56 31.38 -11.04
C VAL A 247 14.85 31.79 -9.61
N LEU A 248 16.12 31.72 -9.19
CA LEU A 248 16.45 32.04 -7.81
C LEU A 248 16.09 33.51 -7.63
N PRO A 249 15.35 33.83 -6.55
CA PRO A 249 15.06 35.26 -6.22
C PRO A 249 16.34 36.09 -6.14
N LYS A 250 16.35 37.19 -6.88
CA LYS A 250 17.55 38.00 -7.03
C LYS A 250 18.03 38.66 -5.75
N ASN A 251 17.09 39.07 -4.90
CA ASN A 251 17.44 39.91 -3.75
C ASN A 251 16.44 39.80 -2.61
N PRO A 252 16.26 38.58 -2.09
CA PRO A 252 15.32 38.46 -0.99
C PRO A 252 15.69 39.37 0.18
N ASP A 253 14.74 40.16 0.65
CA ASP A 253 15.02 41.12 1.72
C ASP A 253 14.40 40.71 3.04
N LYS A 254 13.67 39.59 3.05
CA LYS A 254 13.00 39.09 4.25
C LYS A 254 13.44 37.68 4.50
N HIS A 255 13.93 37.40 5.71
CA HIS A 255 14.49 36.12 6.06
C HIS A 255 13.82 35.56 7.28
N LEU A 256 13.25 34.37 7.12
CA LEU A 256 12.60 33.65 8.19
C LEU A 256 13.38 32.35 8.39
N GLU A 257 13.70 32.03 9.63
CA GLU A 257 14.24 30.73 10.04
C GLU A 257 13.36 30.09 11.10
N ALA A 258 13.09 28.82 10.92
CA ALA A 258 12.20 28.08 11.79
C ALA A 258 12.59 26.61 11.76
N GLY A 259 12.25 25.88 12.82
CA GLY A 259 12.40 24.45 12.86
C GLY A 259 11.66 23.76 11.71
N CYS A 260 12.32 22.80 11.09
CA CYS A 260 11.74 22.16 9.93
C CYS A 260 10.48 21.40 10.33
N ASP A 261 10.56 20.67 11.44
CA ASP A 261 9.51 19.78 11.80
C ASP A 261 8.31 20.58 12.28
N LEU A 262 8.54 21.61 13.10
CA LEU A 262 7.45 22.45 13.55
C LEU A 262 6.78 23.11 12.39
N LEU A 263 7.56 23.55 11.40
CA LEU A 263 6.97 24.22 10.25
C LEU A 263 6.13 23.21 9.48
N LYS A 264 6.71 22.06 9.21
CA LYS A 264 5.99 21.01 8.50
C LYS A 264 4.65 20.66 9.18
N GLN A 265 4.67 20.38 10.49
CA GLN A 265 3.46 19.98 11.19
C GLN A 265 2.38 21.05 11.23
N ALA A 266 2.77 22.30 11.42
CA ALA A 266 1.84 23.40 11.35
C ALA A 266 1.20 23.53 9.94
N PHE A 267 2.01 23.39 8.91
CA PHE A 267 1.48 23.35 7.54
C PHE A 267 0.49 22.19 7.35
N ALA A 268 0.86 21.02 7.82
CA ALA A 268 0.02 19.83 7.62
C ALA A 268 -1.31 19.92 8.39
N ARG A 269 -1.25 20.46 9.61
CA ARG A 269 -2.48 20.61 10.39
C ARG A 269 -3.36 21.66 9.74
N ALA A 270 -2.76 22.80 9.35
CA ALA A 270 -3.55 23.88 8.74
C ALA A 270 -4.24 23.37 7.50
N ALA A 271 -3.52 22.55 6.74
CA ALA A 271 -3.99 22.01 5.45
C ALA A 271 -5.31 21.26 5.60
N ILE A 272 -5.59 20.75 6.80
CA ILE A 272 -6.79 19.92 7.00
C ILE A 272 -8.05 20.71 6.69
N LEU A 273 -8.03 22.02 6.99
CA LEU A 273 -9.20 22.89 6.82
C LEU A 273 -9.03 23.89 5.66
N SER A 274 -8.11 23.54 4.76
CA SER A 274 -8.01 24.22 3.46
C SER A 274 -8.96 23.58 2.48
N ASN A 275 -9.03 24.19 1.30
CA ASN A 275 -9.89 23.65 0.25
C ASN A 275 -9.33 22.31 -0.25
N GLU A 276 -10.12 21.24 -0.22
CA GLU A 276 -9.61 19.91 -0.60
C GLU A 276 -9.10 19.83 -2.03
N LYS A 277 -9.61 20.68 -2.93
CA LYS A 277 -9.22 20.59 -4.33
C LYS A 277 -7.88 21.28 -4.55
N PHE A 278 -7.73 22.48 -4.00
CA PHE A 278 -6.54 23.28 -4.17
C PHE A 278 -6.10 23.69 -2.77
N ARG A 279 -5.27 22.88 -2.12
CA ARG A 279 -4.94 23.12 -0.70
C ARG A 279 -3.85 24.15 -0.56
N GLY A 280 -4.23 25.30 -0.05
CA GLY A 280 -3.31 26.41 0.20
C GLY A 280 -3.49 26.97 1.57
N VAL A 281 -2.47 27.68 2.04
CA VAL A 281 -2.48 28.31 3.34
C VAL A 281 -1.90 29.69 3.21
N ARG A 282 -2.37 30.58 4.08
CA ARG A 282 -1.89 31.95 4.13
C ARG A 282 -0.85 32.05 5.23
N LEU A 283 0.27 32.67 4.92
CA LEU A 283 1.32 32.98 5.90
C LEU A 283 1.38 34.46 6.19
N TYR A 284 1.46 34.79 7.47
CA TYR A 284 1.58 36.18 7.89
C TYR A 284 2.84 36.20 8.70
N VAL A 285 3.83 36.94 8.21
CA VAL A 285 5.08 37.06 8.93
C VAL A 285 5.16 38.44 9.53
N SER A 286 5.61 38.46 10.77
CA SER A 286 5.75 39.65 11.55
C SER A 286 6.82 39.35 12.56
N GLU A 287 7.19 40.38 13.33
CA GLU A 287 8.25 40.26 14.33
C GLU A 287 8.18 38.96 15.11
N ASN A 288 9.23 38.14 14.99
CA ASN A 288 9.37 36.93 15.77
C ASN A 288 8.26 35.86 15.58
N GLN A 289 7.43 36.01 14.55
CA GLN A 289 6.21 35.22 14.45
C GLN A 289 5.77 34.87 13.04
N LEU A 290 5.28 33.64 12.91
CA LEU A 290 4.67 33.17 11.69
C LEU A 290 3.29 32.66 12.07
N LYS A 291 2.30 33.09 11.32
CA LYS A 291 0.94 32.65 11.48
C LYS A 291 0.51 32.03 10.19
N ILE A 292 0.06 30.79 10.27
CA ILE A 292 -0.45 30.08 9.11
C ILE A 292 -1.96 29.93 9.26
N THR A 293 -2.74 30.27 8.23
CA THR A 293 -4.16 30.11 8.32
C THR A 293 -4.70 29.39 7.11
N ALA A 294 -5.78 28.65 7.31
CA ALA A 294 -6.50 28.04 6.21
C ALA A 294 -8.01 28.19 6.42
N ASN A 295 -8.75 28.19 5.32
CA ASN A 295 -10.19 28.03 5.40
C ASN A 295 -10.73 27.33 4.16
N ASN A 296 -11.98 26.87 4.28
CA ASN A 296 -12.60 26.04 3.26
C ASN A 296 -14.03 26.52 2.91
N PRO A 297 -14.67 25.88 1.93
CA PRO A 297 -16.03 26.35 1.55
C PRO A 297 -17.10 26.16 2.65
N GLU A 298 -16.83 25.28 3.59
CA GLU A 298 -17.69 25.07 4.77
C GLU A 298 -17.48 26.14 5.85
N GLN A 299 -16.63 27.13 5.61
CA GLN A 299 -16.44 28.18 6.59
C GLN A 299 -15.63 27.76 7.81
N GLU A 300 -15.00 26.59 7.72
CA GLU A 300 -14.13 26.08 8.80
C GLU A 300 -12.79 26.81 8.68
N GLU A 301 -12.07 26.92 9.79
CA GLU A 301 -10.82 27.70 9.82
C GLU A 301 -9.79 27.04 10.71
N ALA A 302 -8.54 27.03 10.25
CA ALA A 302 -7.38 26.60 11.04
C ALA A 302 -6.44 27.78 11.26
N GLU A 303 -5.82 27.85 12.43
CA GLU A 303 -4.80 28.86 12.69
C GLU A 303 -3.66 28.22 13.46
N GLU A 304 -2.45 28.39 12.95
CA GLU A 304 -1.24 28.00 13.63
C GLU A 304 -0.37 29.25 13.86
N ILE A 305 0.09 29.42 15.09
CA ILE A 305 1.06 30.48 15.40
C ILE A 305 2.38 29.80 15.83
N LEU A 306 3.49 30.29 15.29
CA LEU A 306 4.81 29.71 15.52
C LEU A 306 5.75 30.85 15.86
N ASP A 307 6.58 30.63 16.86
CA ASP A 307 7.69 31.54 17.17
C ASP A 307 8.79 31.21 16.21
N VAL A 308 9.29 32.22 15.51
CA VAL A 308 10.25 32.02 14.44
C VAL A 308 11.32 33.12 14.49
N THR A 309 12.42 32.90 13.80
CA THR A 309 13.42 33.94 13.64
C THR A 309 13.01 34.70 12.39
N TYR A 310 12.82 36.00 12.50
CA TYR A 310 12.42 36.77 11.34
C TYR A 310 12.98 38.19 11.32
N SER A 311 13.45 38.61 10.14
CA SER A 311 13.71 40.04 9.82
C SER A 311 13.03 40.37 8.51
N GLY A 312 12.49 41.58 8.45
CA GLY A 312 11.90 42.09 7.24
C GLY A 312 10.61 42.77 7.58
N ALA A 313 10.04 43.40 6.57
CA ALA A 313 8.71 43.96 6.68
C ALA A 313 7.74 42.84 6.99
N GLU A 314 6.69 43.16 7.72
CA GLU A 314 5.49 42.31 7.75
C GLU A 314 4.95 42.06 6.37
N MET A 315 4.48 40.85 6.12
CA MET A 315 3.82 40.57 4.87
C MET A 315 2.96 39.33 4.99
N GLU A 316 2.07 39.22 4.04
CA GLU A 316 1.20 38.10 3.89
C GLU A 316 1.54 37.44 2.57
N ILE A 317 1.49 36.14 2.52
CA ILE A 317 1.74 35.43 1.28
C ILE A 317 1.11 34.06 1.37
N GLY A 318 0.49 33.60 0.30
CA GLY A 318 -0.08 32.26 0.28
C GLY A 318 0.81 31.23 -0.42
N PHE A 319 0.67 29.97 -0.03
CA PHE A 319 1.36 28.86 -0.65
C PHE A 319 0.52 27.60 -0.77
N ASN A 320 0.78 26.85 -1.85
CA ASN A 320 0.27 25.52 -2.03
C ASN A 320 0.95 24.62 -0.98
N VAL A 321 0.11 24.00 -0.14
CA VAL A 321 0.59 23.16 0.96
C VAL A 321 1.51 22.08 0.49
N SER A 322 1.14 21.33 -0.55
CA SER A 322 1.96 20.23 -1.05
C SER A 322 3.36 20.67 -1.51
N TYR A 323 3.46 21.86 -2.10
CA TYR A 323 4.75 22.33 -2.60
C TYR A 323 5.66 22.57 -1.42
N VAL A 324 5.13 23.07 -0.32
CA VAL A 324 6.01 23.37 0.81
C VAL A 324 6.37 22.09 1.56
N LEU A 325 5.40 21.22 1.73
CA LEU A 325 5.61 19.95 2.43
C LEU A 325 6.59 19.12 1.64
N ASP A 326 6.48 19.12 0.33
CA ASP A 326 7.44 18.40 -0.47
C ASP A 326 8.88 18.83 -0.22
N VAL A 327 9.10 20.14 -0.09
CA VAL A 327 10.41 20.70 0.22
C VAL A 327 10.88 20.31 1.60
N LEU A 328 10.00 20.48 2.59
CA LEU A 328 10.38 20.26 3.98
C LEU A 328 10.66 18.78 4.20
N ASN A 329 9.95 17.92 3.48
CA ASN A 329 10.23 16.48 3.41
C ASN A 329 11.56 16.12 2.72
N ALA A 330 11.96 16.88 1.72
CA ALA A 330 13.24 16.66 1.03
C ALA A 330 14.43 17.23 1.78
N LEU A 331 14.17 18.12 2.72
CA LEU A 331 15.24 18.70 3.50
C LEU A 331 15.70 17.88 4.69
N LYS A 332 14.79 17.20 5.39
CA LYS A 332 15.16 16.39 6.57
C LYS A 332 16.35 17.01 7.31
N CYS A 333 16.11 18.17 7.90
CA CYS A 333 17.16 18.91 8.59
C CYS A 333 16.52 19.58 9.80
N GLU A 334 17.30 20.24 10.65
CA GLU A 334 16.78 20.81 11.89
C GLU A 334 16.02 22.10 11.63
N ASN A 335 16.65 22.98 10.89
CA ASN A 335 16.13 24.31 10.63
C ASN A 335 16.16 24.66 9.17
N VAL A 336 15.21 25.52 8.80
CA VAL A 336 14.96 25.87 7.41
C VAL A 336 14.98 27.38 7.34
N ARG A 337 15.49 27.89 6.23
CA ARG A 337 15.45 29.29 5.93
C ARG A 337 14.53 29.51 4.75
N MET A 338 13.63 30.45 4.89
CA MET A 338 12.78 30.93 3.84
C MET A 338 13.22 32.35 3.53
N MET A 339 13.55 32.59 2.27
CA MET A 339 14.03 33.91 1.82
C MET A 339 12.96 34.53 0.95
N LEU A 340 12.30 35.56 1.46
CA LEU A 340 11.19 36.20 0.78
C LEU A 340 11.53 37.58 0.27
N THR A 341 10.71 38.04 -0.67
CA THR A 341 10.88 39.30 -1.34
C THR A 341 9.60 40.11 -1.13
N ASP A 342 8.50 39.61 -1.68
CA ASP A 342 7.17 40.19 -1.47
C ASP A 342 6.08 39.18 -1.72
N SER A 343 4.84 39.65 -1.51
CA SER A 343 3.67 38.78 -1.54
C SER A 343 3.36 38.19 -2.89
N VAL A 344 3.96 38.73 -3.95
CA VAL A 344 3.67 38.28 -5.31
C VAL A 344 4.89 37.57 -5.94
N SER A 345 5.96 37.36 -5.15
CA SER A 345 7.18 36.75 -5.66
C SER A 345 7.47 35.37 -5.05
N SER A 346 8.25 34.58 -5.77
CA SER A 346 8.57 33.24 -5.31
CA SER A 346 8.63 33.23 -5.35
C SER A 346 9.48 33.30 -4.10
N VAL A 347 9.55 32.19 -3.40
N VAL A 347 9.46 32.22 -3.33
CA VAL A 347 10.32 32.10 -2.19
CA VAL A 347 10.29 32.10 -2.15
C VAL A 347 11.40 31.04 -2.32
C VAL A 347 11.42 31.09 -2.39
N GLN A 348 12.55 31.30 -1.72
CA GLN A 348 13.66 30.34 -1.71
C GLN A 348 13.70 29.70 -0.34
N ILE A 349 13.74 28.38 -0.33
CA ILE A 349 13.78 27.58 0.91
C ILE A 349 15.06 26.74 0.89
N GLU A 350 15.78 26.69 2.01
CA GLU A 350 16.97 25.88 2.07
C GLU A 350 17.16 25.47 3.53
N ASP A 351 17.92 24.39 3.71
CA ASP A 351 18.43 23.96 5.01
C ASP A 351 19.23 25.15 5.56
N ALA A 352 18.96 25.56 6.79
CA ALA A 352 19.66 26.69 7.38
C ALA A 352 21.16 26.45 7.47
N ALA A 353 21.57 25.18 7.49
CA ALA A 353 22.95 24.77 7.75
C ALA A 353 23.56 23.93 6.62
N SER A 354 23.13 24.19 5.39
CA SER A 354 23.67 23.52 4.20
C SER A 354 23.25 24.26 2.93
N GLN A 355 24.22 24.53 2.07
CA GLN A 355 23.97 25.18 0.78
C GLN A 355 23.90 24.18 -0.40
N SER A 356 23.93 22.88 -0.13
CA SER A 356 23.93 21.84 -1.19
C SER A 356 22.69 21.92 -2.12
N ALA A 357 21.58 22.40 -1.57
CA ALA A 357 20.32 22.38 -2.31
C ALA A 357 19.54 23.64 -2.06
N ALA A 358 18.74 24.00 -3.04
CA ALA A 358 17.80 25.11 -2.89
C ALA A 358 16.50 24.78 -3.56
N TYR A 359 15.44 25.41 -3.07
CA TYR A 359 14.10 25.20 -3.57
C TYR A 359 13.43 26.55 -3.75
N VAL A 360 12.72 26.70 -4.87
CA VAL A 360 12.02 27.91 -5.19
C VAL A 360 10.56 27.55 -5.45
N VAL A 361 9.63 28.31 -4.89
CA VAL A 361 8.20 28.01 -4.93
C VAL A 361 7.41 29.29 -5.16
N MET A 362 6.58 29.30 -6.21
CA MET A 362 5.71 30.46 -6.46
C MET A 362 4.70 30.57 -5.35
N PRO A 363 4.29 31.81 -5.03
CA PRO A 363 3.17 31.97 -4.12
C PRO A 363 1.84 31.53 -4.75
N MET A 364 0.86 31.25 -3.89
CA MET A 364 -0.50 30.88 -4.28
C MET A 364 -1.45 31.96 -3.75
N ARG A 365 -2.29 32.52 -4.61
CA ARG A 365 -3.30 33.51 -4.21
C ARG A 365 -4.49 32.83 -3.54
N LEU A 366 -4.91 33.34 -2.38
CA LEU A 366 -6.07 32.77 -1.68
C LEU A 366 -7.07 33.88 -1.32
N MET B 1 -21.20 22.24 25.85
CA MET B 1 -20.30 21.04 25.78
C MET B 1 -18.84 21.39 25.73
N LYS B 2 -18.08 20.84 26.68
CA LYS B 2 -16.68 21.19 26.79
C LYS B 2 -15.87 20.06 27.37
N PHE B 3 -14.67 19.84 26.82
CA PHE B 3 -13.76 18.88 27.39
C PHE B 3 -12.34 19.24 26.99
N THR B 4 -11.38 18.77 27.79
CA THR B 4 -9.99 18.84 27.39
C THR B 4 -9.43 17.44 27.63
N VAL B 5 -8.84 16.83 26.60
N VAL B 5 -8.83 16.86 26.61
CA VAL B 5 -8.32 15.45 26.64
CA VAL B 5 -8.25 15.54 26.72
C VAL B 5 -6.94 15.35 26.00
C VAL B 5 -6.83 15.58 26.20
N GLU B 6 -6.03 14.64 26.66
CA GLU B 6 -4.72 14.39 26.08
C GLU B 6 -4.88 13.65 24.76
N ARG B 7 -4.09 14.07 23.78
CA ARG B 7 -4.15 13.56 22.42
C ARG B 7 -4.31 12.04 22.31
N GLU B 8 -3.41 11.31 22.97
CA GLU B 8 -3.37 9.85 22.83
C GLU B 8 -4.55 9.12 23.47
N HIS B 9 -5.29 9.77 24.35
CA HIS B 9 -6.49 9.16 24.93
C HIS B 9 -7.69 9.26 24.01
N LEU B 10 -7.58 10.16 23.04
CA LEU B 10 -8.64 10.42 22.08
C LEU B 10 -8.38 9.75 20.73
N LEU B 11 -7.12 9.46 20.41
CA LEU B 11 -6.76 9.09 19.05
CA LEU B 11 -6.75 9.07 19.05
C LEU B 11 -7.32 7.74 18.60
N LYS B 12 -7.05 6.68 19.36
CA LYS B 12 -7.54 5.35 18.98
C LYS B 12 -9.07 5.26 19.06
N PRO B 13 -9.69 5.90 20.07
CA PRO B 13 -11.16 5.99 20.02
C PRO B 13 -11.69 6.63 18.72
N LEU B 14 -11.14 7.79 18.34
CA LEU B 14 -11.46 8.42 17.05
C LEU B 14 -11.25 7.54 15.84
N GLN B 15 -10.12 6.83 15.80
CA GLN B 15 -9.85 5.87 14.73
C GLN B 15 -10.92 4.79 14.71
N GLN B 16 -11.16 4.17 15.86
CA GLN B 16 -12.13 3.08 15.95
C GLN B 16 -13.55 3.46 15.57
N VAL B 17 -14.03 4.62 16.03
CA VAL B 17 -15.42 4.99 15.74
C VAL B 17 -15.59 5.52 14.33
N SER B 18 -14.49 5.83 13.67
CA SER B 18 -14.54 6.25 12.28
C SER B 18 -14.62 5.05 11.33
N GLY B 19 -14.32 3.86 11.84
CA GLY B 19 -14.39 2.64 11.04
C GLY B 19 -15.55 2.59 10.04
N PRO B 20 -16.81 2.56 10.54
CA PRO B 20 -18.01 2.40 9.69
C PRO B 20 -18.28 3.52 8.68
N LEU B 21 -17.45 4.56 8.70
CA LEU B 21 -17.59 5.68 7.77
C LEU B 21 -16.95 5.42 6.41
N GLY B 22 -17.37 6.22 5.42
CA GLY B 22 -16.62 6.46 4.19
C GLY B 22 -15.70 7.64 4.44
N GLY B 23 -14.89 8.05 3.47
CA GLY B 23 -14.99 7.65 2.08
C GLY B 23 -15.76 8.75 1.36
N ARG B 24 -16.88 8.38 0.75
CA ARG B 24 -17.84 9.34 0.19
C ARG B 24 -19.11 9.24 1.05
N PRO B 25 -19.26 10.14 2.05
CA PRO B 25 -20.44 9.97 2.90
C PRO B 25 -21.66 10.35 2.09
N THR B 26 -22.67 9.49 2.08
CA THR B 26 -23.85 9.73 1.27
C THR B 26 -24.41 11.11 1.58
N LEU B 27 -24.62 11.38 2.87
CA LEU B 27 -25.12 12.66 3.36
C LEU B 27 -24.18 13.17 4.41
N PRO B 28 -24.13 14.50 4.62
CA PRO B 28 -23.07 15.01 5.50
C PRO B 28 -23.05 14.41 6.90
N ILE B 29 -24.18 14.32 7.57
CA ILE B 29 -24.16 13.86 8.96
C ILE B 29 -23.58 12.44 9.16
N LEU B 30 -23.63 11.60 8.13
CA LEU B 30 -23.07 10.26 8.18
C LEU B 30 -21.55 10.28 8.10
N GLY B 31 -21.00 11.41 7.64
CA GLY B 31 -19.58 11.66 7.76
C GLY B 31 -19.13 12.29 9.09
N ASN B 32 -20.05 12.45 10.05
CA ASN B 32 -19.77 13.06 11.34
C ASN B 32 -19.74 12.00 12.43
N LEU B 33 -19.04 12.34 13.50
CA LEU B 33 -19.16 11.63 14.73
C LEU B 33 -20.03 12.41 15.67
N LEU B 34 -20.82 11.68 16.45
CA LEU B 34 -21.53 12.25 17.56
C LEU B 34 -20.61 12.24 18.79
N LEU B 35 -20.43 13.41 19.39
CA LEU B 35 -19.71 13.60 20.66
C LEU B 35 -20.71 13.93 21.77
N GLN B 36 -20.71 13.20 22.89
CA GLN B 36 -21.62 13.54 24.00
C GLN B 36 -20.78 13.51 25.24
N VAL B 37 -20.79 14.60 26.00
CA VAL B 37 -20.22 14.63 27.33
C VAL B 37 -21.37 14.44 28.30
N ALA B 38 -21.29 13.39 29.10
CA ALA B 38 -22.29 13.11 30.14
C ALA B 38 -21.66 12.29 31.23
N ASP B 39 -22.06 12.55 32.46
CA ASP B 39 -21.45 12.01 33.68
C ASP B 39 -19.98 11.60 33.58
N GLY B 40 -19.12 12.58 33.31
CA GLY B 40 -17.66 12.41 33.28
C GLY B 40 -17.12 11.52 32.18
N THR B 41 -17.89 11.38 31.11
CA THR B 41 -17.51 10.58 30.01
C THR B 41 -17.79 11.26 28.71
N LEU B 42 -16.82 11.20 27.81
CA LEU B 42 -16.98 11.55 26.40
C LEU B 42 -17.28 10.27 25.63
N SER B 43 -18.43 10.24 24.97
CA SER B 43 -18.75 9.20 24.05
C SER B 43 -18.66 9.73 22.63
N LEU B 44 -18.12 8.88 21.76
CA LEU B 44 -17.96 9.13 20.34
C LEU B 44 -18.64 8.02 19.61
N THR B 45 -19.42 8.37 18.59
CA THR B 45 -20.20 7.38 17.86
C THR B 45 -20.10 7.67 16.38
N GLY B 46 -19.79 6.65 15.59
CA GLY B 46 -19.94 6.76 14.12
C GLY B 46 -20.92 5.70 13.66
N THR B 47 -21.65 6.00 12.59
CA THR B 47 -22.65 5.08 12.07
C THR B 47 -22.74 5.17 10.57
N ASP B 48 -23.15 4.09 9.94
CA ASP B 48 -23.51 4.12 8.51
C ASP B 48 -24.97 3.78 8.27
N LEU B 49 -25.73 3.76 9.37
CA LEU B 49 -27.15 3.43 9.38
C LEU B 49 -27.39 1.94 9.53
N GLU B 50 -26.41 1.11 9.21
CA GLU B 50 -26.56 -0.33 9.41
C GLU B 50 -25.85 -0.75 10.68
N MET B 51 -24.79 -0.04 11.03
CA MET B 51 -24.06 -0.33 12.26
C MET B 51 -23.46 0.91 12.89
N GLU B 52 -23.11 0.78 14.16
CA GLU B 52 -22.52 1.87 14.92
C GLU B 52 -21.34 1.38 15.69
N MET B 53 -20.34 2.23 15.84
CA MET B 53 -19.24 1.98 16.76
C MET B 53 -19.26 3.12 17.77
N VAL B 54 -19.22 2.75 19.05
CA VAL B 54 -19.26 3.70 20.16
C VAL B 54 -18.01 3.50 21.01
N ALA B 55 -17.35 4.59 21.37
CA ALA B 55 -16.24 4.54 22.32
C ALA B 55 -16.55 5.48 23.50
N ARG B 56 -16.20 5.04 24.70
CA ARG B 56 -16.30 5.85 25.93
C ARG B 56 -14.89 6.29 26.29
N VAL B 57 -14.70 7.58 26.51
CA VAL B 57 -13.44 8.11 26.94
C VAL B 57 -13.67 8.81 28.28
N ALA B 58 -13.00 8.34 29.31
CA ALA B 58 -13.11 8.96 30.61
C ALA B 58 -12.50 10.36 30.58
N LEU B 59 -13.15 11.31 31.25
CA LEU B 59 -12.65 12.69 31.31
C LEU B 59 -12.07 13.04 32.70
N VAL B 60 -10.74 13.21 32.78
CA VAL B 60 -10.06 13.53 34.05
C VAL B 60 -9.87 15.02 34.23
N GLN B 61 -10.05 15.77 33.15
CA GLN B 61 -9.90 17.23 33.21
C GLN B 61 -11.31 17.80 33.31
N PRO B 62 -11.43 19.08 33.73
CA PRO B 62 -12.69 19.81 33.75
C PRO B 62 -13.47 19.63 32.47
N HIS B 63 -14.77 19.43 32.59
CA HIS B 63 -15.64 19.30 31.40
C HIS B 63 -17.02 19.79 31.70
N GLU B 64 -17.79 19.98 30.63
N GLU B 64 -17.78 20.04 30.62
CA GLU B 64 -19.16 20.41 30.73
CA GLU B 64 -19.17 20.46 30.71
C GLU B 64 -20.00 19.58 29.76
C GLU B 64 -19.99 19.59 29.76
N PRO B 65 -21.18 19.12 30.22
CA PRO B 65 -21.98 18.24 29.40
C PRO B 65 -22.56 18.87 28.14
N GLY B 66 -22.93 18.02 27.20
CA GLY B 66 -23.50 18.44 25.93
C GLY B 66 -23.14 17.55 24.78
N ALA B 67 -23.65 17.87 23.62
CA ALA B 67 -23.54 16.96 22.52
C ALA B 67 -23.62 17.72 21.21
N THR B 68 -22.84 17.23 20.27
CA THR B 68 -22.89 17.77 18.93
C THR B 68 -22.38 16.70 18.02
N THR B 69 -22.32 17.02 16.73
CA THR B 69 -21.68 16.17 15.72
C THR B 69 -20.75 17.01 14.87
N VAL B 70 -19.62 16.45 14.50
CA VAL B 70 -18.59 17.15 13.74
C VAL B 70 -17.91 16.20 12.77
N PRO B 71 -17.30 16.74 11.70
CA PRO B 71 -16.74 15.83 10.70
C PRO B 71 -15.63 14.94 11.26
N ALA B 72 -15.81 13.64 11.10
CA ALA B 72 -14.95 12.63 11.68
C ALA B 72 -13.49 12.71 11.22
N ARG B 73 -13.32 12.65 9.91
CA ARG B 73 -11.98 12.65 9.28
C ARG B 73 -11.19 13.93 9.64
N LYS B 74 -11.82 15.09 9.55
CA LYS B 74 -11.15 16.39 9.90
C LYS B 74 -10.78 16.35 11.38
N PHE B 75 -11.72 15.93 12.23
CA PHE B 75 -11.46 15.90 13.66
C PHE B 75 -10.33 14.92 13.98
N PHE B 76 -10.42 13.70 13.48
CA PHE B 76 -9.31 12.77 13.64
C PHE B 76 -8.00 13.32 13.13
N ASP B 77 -7.96 13.84 11.91
CA ASP B 77 -6.69 14.30 11.35
C ASP B 77 -6.08 15.43 12.16
N ILE B 78 -6.92 16.29 12.74
CA ILE B 78 -6.41 17.38 13.56
C ILE B 78 -5.74 16.78 14.78
N CYS B 79 -6.43 15.83 15.39
CA CYS B 79 -5.93 15.25 16.64
C CYS B 79 -4.64 14.47 16.40
N ARG B 80 -4.59 13.70 15.32
CA ARG B 80 -3.39 12.96 14.92
C ARG B 80 -2.23 13.88 14.58
N GLY B 81 -2.55 15.02 13.98
CA GLY B 81 -1.55 15.99 13.59
C GLY B 81 -0.92 16.79 14.71
N LEU B 82 -1.57 16.82 15.87
CA LEU B 82 -1.03 17.60 16.98
C LEU B 82 0.17 16.85 17.59
N PRO B 83 1.08 17.57 18.23
CA PRO B 83 2.28 16.88 18.69
C PRO B 83 1.95 15.94 19.86
N GLU B 84 2.81 14.96 20.06
CA GLU B 84 2.58 13.99 21.10
C GLU B 84 2.38 14.65 22.46
N GLY B 85 1.40 14.14 23.20
CA GLY B 85 1.09 14.66 24.53
C GLY B 85 0.26 15.95 24.52
N ALA B 86 -0.12 16.42 23.35
CA ALA B 86 -0.87 17.65 23.20
C ALA B 86 -2.20 17.56 23.97
N GLU B 87 -2.53 18.62 24.71
CA GLU B 87 -3.83 18.76 25.34
C GLU B 87 -4.81 19.35 24.34
N ILE B 88 -5.91 18.65 24.11
CA ILE B 88 -6.87 19.03 23.09
C ILE B 88 -8.12 19.55 23.80
N ALA B 89 -8.26 20.87 23.80
CA ALA B 89 -9.43 21.57 24.35
C ALA B 89 -10.54 21.75 23.33
N VAL B 90 -11.75 21.35 23.69
CA VAL B 90 -12.88 21.38 22.77
C VAL B 90 -14.04 22.10 23.42
N GLN B 91 -14.68 22.97 22.66
CA GLN B 91 -15.84 23.69 23.14
C GLN B 91 -16.85 23.87 22.03
N LEU B 92 -18.07 23.43 22.30
CA LEU B 92 -19.19 23.63 21.37
C LEU B 92 -19.63 25.08 21.33
N GLU B 93 -19.73 25.65 20.13
CA GLU B 93 -20.20 27.02 19.97
C GLU B 93 -21.21 27.08 18.84
N GLY B 94 -22.39 26.53 19.11
CA GLY B 94 -23.49 26.55 18.18
C GLY B 94 -23.18 25.81 16.91
N GLU B 95 -23.04 26.58 15.84
CA GLU B 95 -22.86 26.05 14.51
C GLU B 95 -21.40 25.61 14.28
N ARG B 96 -20.50 25.90 15.22
CA ARG B 96 -19.10 25.51 15.10
C ARG B 96 -18.67 24.82 16.36
N MET B 97 -17.67 23.94 16.24
CA MET B 97 -16.98 23.38 17.39
C MET B 97 -15.53 23.80 17.33
N LEU B 98 -15.07 24.39 18.43
CA LEU B 98 -13.72 24.90 18.49
C LEU B 98 -12.77 23.95 19.14
N VAL B 99 -11.61 23.78 18.51
CA VAL B 99 -10.59 22.87 18.98
C VAL B 99 -9.32 23.69 19.16
N ARG B 100 -8.69 23.57 20.34
CA ARG B 100 -7.49 24.32 20.60
C ARG B 100 -6.47 23.44 21.28
N SER B 101 -5.22 23.62 20.87
CA SER B 101 -4.10 22.95 21.53
C SER B 101 -2.87 23.80 21.27
N GLY B 102 -2.13 24.19 22.32
CA GLY B 102 -1.02 25.14 22.20
C GLY B 102 -1.51 26.42 21.54
N ARG B 103 -0.86 26.84 20.45
CA ARG B 103 -1.38 27.92 19.60
C ARG B 103 -1.80 27.35 18.26
N SER B 104 -2.42 26.19 18.31
CA SER B 104 -3.13 25.63 17.13
C SER B 104 -4.62 25.79 17.36
N ARG B 105 -5.36 26.38 16.41
CA ARG B 105 -6.80 26.57 16.55
C ARG B 105 -7.56 26.09 15.34
N PHE B 106 -8.70 25.45 15.58
CA PHE B 106 -9.53 24.90 14.52
C PHE B 106 -11.00 25.13 14.84
N SER B 107 -11.78 25.40 13.80
CA SER B 107 -13.21 25.61 13.86
C SER B 107 -13.85 24.59 12.94
N LEU B 108 -14.70 23.70 13.45
CA LEU B 108 -15.39 22.73 12.60
C LEU B 108 -16.89 22.98 12.59
N SER B 109 -17.52 22.81 11.44
CA SER B 109 -18.96 23.02 11.32
CA SER B 109 -18.97 23.03 11.33
C SER B 109 -19.67 21.84 12.00
N THR B 110 -20.72 22.11 12.74
CA THR B 110 -21.44 21.06 13.44
C THR B 110 -22.77 20.78 12.82
N LEU B 111 -23.32 19.61 13.11
CA LEU B 111 -24.74 19.31 12.84
C LEU B 111 -25.31 18.84 14.16
N PRO B 112 -26.57 19.22 14.45
CA PRO B 112 -27.15 18.91 15.76
C PRO B 112 -27.13 17.43 16.13
N ALA B 113 -26.85 17.18 17.42
CA ALA B 113 -26.86 15.86 17.97
C ALA B 113 -28.25 15.25 17.82
N ALA B 114 -29.28 16.07 17.93
CA ALA B 114 -30.68 15.60 17.76
C ALA B 114 -30.94 14.93 16.41
N ASP B 115 -30.13 15.26 15.41
CA ASP B 115 -30.34 14.69 14.09
C ASP B 115 -29.43 13.51 13.78
N PHE B 116 -28.57 13.12 14.74
CA PHE B 116 -27.68 12.01 14.49
C PHE B 116 -28.49 10.73 14.48
N PRO B 117 -28.35 9.93 13.42
CA PRO B 117 -29.13 8.71 13.38
C PRO B 117 -28.76 7.79 14.55
N ASN B 118 -29.75 7.09 15.04
CA ASN B 118 -29.65 6.40 16.31
C ASN B 118 -30.32 5.02 16.14
N LEU B 119 -29.51 3.96 16.10
CA LEU B 119 -30.04 2.60 16.00
C LEU B 119 -31.11 2.38 17.07
N ASP B 120 -32.25 1.87 16.63
CA ASP B 120 -33.39 1.66 17.51
C ASP B 120 -33.01 0.66 18.60
N ASP B 121 -33.72 0.71 19.72
CA ASP B 121 -33.40 -0.17 20.83
C ASP B 121 -33.91 -1.55 20.49
N TRP B 122 -33.36 -2.56 21.12
CA TRP B 122 -33.72 -3.93 20.79
C TRP B 122 -33.34 -4.79 21.99
N GLN B 123 -33.74 -6.06 21.95
CA GLN B 123 -33.52 -6.95 23.08
C GLN B 123 -32.60 -8.09 22.72
N SER B 124 -31.69 -8.39 23.64
CA SER B 124 -30.79 -9.50 23.52
C SER B 124 -31.52 -10.80 23.89
N GLU B 125 -31.27 -11.84 23.11
CA GLU B 125 -31.87 -13.16 23.32
C GLU B 125 -30.81 -14.20 23.68
N VAL B 126 -29.56 -13.92 23.34
CA VAL B 126 -28.46 -14.76 23.76
C VAL B 126 -27.25 -13.89 24.00
N GLU B 127 -26.51 -14.24 25.04
CA GLU B 127 -25.34 -13.49 25.47
C GLU B 127 -24.30 -14.46 25.91
N PHE B 128 -23.07 -14.19 25.52
CA PHE B 128 -21.94 -14.97 25.99
C PHE B 128 -20.68 -14.13 25.94
N THR B 129 -19.66 -14.62 26.60
CA THR B 129 -18.37 -13.99 26.61
C THR B 129 -17.45 -14.99 25.94
N LEU B 130 -16.38 -14.53 25.32
CA LEU B 130 -15.37 -15.42 24.72
C LEU B 130 -14.07 -14.64 24.52
N PRO B 131 -12.92 -15.33 24.39
CA PRO B 131 -11.68 -14.58 24.14
C PRO B 131 -11.66 -13.84 22.82
N GLN B 132 -10.99 -12.70 22.77
CA GLN B 132 -10.82 -11.97 21.52
C GLN B 132 -10.17 -12.86 20.49
N ALA B 133 -9.12 -13.58 20.91
CA ALA B 133 -8.42 -14.54 20.05
C ALA B 133 -9.40 -15.47 19.31
N THR B 134 -10.39 -16.02 20.03
CA THR B 134 -11.39 -16.91 19.42
C THR B 134 -12.25 -16.27 18.32
N MET B 135 -12.71 -15.04 18.53
CA MET B 135 -13.48 -14.33 17.51
C MET B 135 -12.66 -14.00 16.26
N LYS B 136 -11.42 -13.58 16.47
CA LYS B 136 -10.50 -13.33 15.35
C LYS B 136 -10.28 -14.60 14.54
N ARG B 137 -10.15 -15.73 15.24
CA ARG B 137 -10.00 -17.02 14.62
C ARG B 137 -11.22 -17.33 13.75
N LEU B 138 -12.41 -17.23 14.32
CA LEU B 138 -13.65 -17.52 13.57
C LEU B 138 -13.82 -16.71 12.27
N ILE B 139 -13.49 -15.43 12.34
CA ILE B 139 -13.68 -14.50 11.23
C ILE B 139 -12.58 -14.67 10.17
N GLU B 140 -11.32 -14.78 10.60
CA GLU B 140 -10.22 -14.89 9.64
C GLU B 140 -10.30 -16.23 8.93
N ALA B 141 -10.79 -17.24 9.64
CA ALA B 141 -10.94 -18.56 9.07
C ALA B 141 -11.92 -18.54 7.88
N THR B 142 -12.88 -17.63 7.87
CA THR B 142 -13.94 -17.70 6.86
C THR B 142 -14.21 -16.47 6.02
N GLN B 143 -13.79 -15.28 6.49
CA GLN B 143 -14.05 -14.01 5.84
C GLN B 143 -13.82 -14.00 4.35
N PHE B 144 -12.70 -14.55 3.88
CA PHE B 144 -12.39 -14.49 2.45
C PHE B 144 -13.41 -15.15 1.53
N SER B 145 -14.24 -16.05 2.08
CA SER B 145 -15.29 -16.72 1.28
C SER B 145 -16.61 -15.95 1.15
N MET B 146 -16.71 -14.79 1.77
CA MET B 146 -17.91 -13.97 1.60
C MET B 146 -17.97 -13.46 0.18
N ALA B 147 -19.18 -13.39 -0.36
CA ALA B 147 -19.38 -12.80 -1.70
C ALA B 147 -19.07 -11.31 -1.69
N HIS B 148 -18.82 -10.81 -2.90
CA HIS B 148 -18.52 -9.41 -3.13
C HIS B 148 -19.60 -8.79 -4.01
N GLN B 149 -20.47 -8.01 -3.38
CA GLN B 149 -21.56 -7.31 -4.07
C GLN B 149 -22.42 -8.28 -4.91
N ASP B 150 -22.74 -9.42 -4.35
CA ASP B 150 -23.57 -10.39 -5.04
C ASP B 150 -25.00 -9.90 -4.92
N VAL B 151 -25.79 -10.16 -5.96
CA VAL B 151 -27.21 -9.80 -5.96
C VAL B 151 -27.95 -10.65 -4.93
N ARG B 152 -27.43 -11.85 -4.63
CA ARG B 152 -27.91 -12.62 -3.49
C ARG B 152 -27.29 -12.00 -2.25
N TYR B 153 -28.00 -11.04 -1.66
CA TYR B 153 -27.41 -10.18 -0.62
C TYR B 153 -26.95 -10.96 0.58
N TYR B 154 -27.64 -12.05 0.88
CA TYR B 154 -27.34 -12.85 2.09
C TYR B 154 -25.88 -13.36 2.07
N LEU B 155 -25.35 -13.61 0.86
CA LEU B 155 -23.95 -14.07 0.70
C LEU B 155 -22.93 -12.97 0.97
N ASN B 156 -23.36 -11.70 0.88
CA ASN B 156 -22.44 -10.59 1.15
C ASN B 156 -22.29 -10.34 2.65
N GLY B 157 -22.34 -11.38 3.43
CA GLY B 157 -22.29 -11.26 4.86
C GLY B 157 -21.66 -12.52 5.37
N MET B 158 -21.67 -12.70 6.69
CA MET B 158 -21.15 -13.89 7.31
C MET B 158 -22.16 -14.46 8.30
N LEU B 159 -22.42 -15.75 8.19
CA LEU B 159 -23.34 -16.39 9.11
C LEU B 159 -22.65 -16.59 10.43
N PHE B 160 -23.31 -16.16 11.52
CA PHE B 160 -22.89 -16.54 12.86
C PHE B 160 -23.96 -17.42 13.44
N GLU B 161 -23.51 -18.56 13.98
CA GLU B 161 -24.39 -19.60 14.49
C GLU B 161 -23.93 -20.01 15.88
N THR B 162 -24.89 -20.03 16.80
CA THR B 162 -24.67 -20.51 18.15
C THR B 162 -25.43 -21.83 18.26
N GLU B 163 -24.78 -22.83 18.82
CA GLU B 163 -25.42 -24.13 18.96
C GLU B 163 -24.66 -24.92 19.99
N GLY B 164 -25.31 -25.25 21.10
CA GLY B 164 -24.64 -25.93 22.21
C GLY B 164 -23.50 -25.06 22.73
N GLU B 165 -22.32 -25.66 22.91
CA GLU B 165 -21.14 -24.97 23.41
C GLU B 165 -20.24 -24.44 22.29
N GLU B 166 -20.83 -24.14 21.14
CA GLU B 166 -20.09 -23.73 19.96
C GLU B 166 -20.60 -22.46 19.34
N LEU B 167 -19.66 -21.63 18.90
CA LEU B 167 -19.95 -20.52 18.03
C LEU B 167 -19.31 -20.87 16.71
N ARG B 168 -20.04 -20.62 15.63
CA ARG B 168 -19.67 -21.03 14.30
C ARG B 168 -19.83 -19.87 13.33
N THR B 169 -18.89 -19.71 12.42
CA THR B 169 -19.08 -18.78 11.33
C THR B 169 -19.13 -19.52 10.02
N VAL B 170 -19.93 -19.01 9.09
CA VAL B 170 -20.01 -19.54 7.72
C VAL B 170 -20.03 -18.40 6.71
N ALA B 171 -19.31 -18.60 5.61
CA ALA B 171 -19.29 -17.66 4.52
C ALA B 171 -19.17 -18.43 3.22
N THR B 172 -19.84 -17.93 2.19
CA THR B 172 -19.76 -18.55 0.87
C THR B 172 -20.19 -17.51 -0.16
N ASP B 173 -19.70 -17.69 -1.37
CA ASP B 173 -20.09 -16.86 -2.48
C ASP B 173 -20.76 -17.75 -3.52
N GLY B 174 -21.24 -18.91 -3.10
CA GLY B 174 -21.87 -19.88 -3.99
C GLY B 174 -20.89 -20.77 -4.75
N HIS B 175 -19.64 -20.35 -4.85
CA HIS B 175 -18.60 -21.12 -5.54
C HIS B 175 -17.73 -21.87 -4.57
N ARG B 176 -17.51 -21.28 -3.40
CA ARG B 176 -16.73 -21.92 -2.37
C ARG B 176 -17.27 -21.50 -1.03
N LEU B 177 -17.03 -22.34 -0.05
CA LEU B 177 -17.63 -22.17 1.26
C LEU B 177 -16.56 -22.39 2.30
N ALA B 178 -16.68 -21.62 3.39
CA ALA B 178 -15.81 -21.72 4.56
C ALA B 178 -16.69 -21.79 5.79
N VAL B 179 -16.38 -22.74 6.68
CA VAL B 179 -17.07 -22.93 7.97
C VAL B 179 -16.03 -23.11 9.08
N CYS B 180 -16.24 -22.44 10.21
CA CYS B 180 -15.33 -22.58 11.34
C CYS B 180 -16.13 -22.61 12.63
N SER B 181 -15.86 -23.62 13.45
CA SER B 181 -16.55 -23.77 14.72
C SER B 181 -15.54 -23.81 15.85
N MET B 182 -15.81 -23.06 16.91
CA MET B 182 -14.93 -23.01 18.09
C MET B 182 -15.74 -23.18 19.38
N PRO B 183 -15.17 -23.89 20.38
CA PRO B 183 -15.83 -24.06 21.68
C PRO B 183 -16.03 -22.71 22.40
N ILE B 184 -17.09 -22.60 23.21
CA ILE B 184 -17.37 -21.40 24.01
C ILE B 184 -17.32 -21.72 25.50
N GLY B 185 -17.70 -22.92 25.90
CA GLY B 185 -17.63 -23.29 27.32
C GLY B 185 -18.86 -22.97 28.16
N GLN B 186 -19.82 -22.22 27.58
CA GLN B 186 -21.18 -22.14 28.10
C GLN B 186 -22.10 -22.76 27.07
N SER B 187 -23.23 -23.28 27.52
CA SER B 187 -24.25 -23.78 26.60
C SER B 187 -25.11 -22.65 26.04
N LEU B 188 -25.32 -22.65 24.72
CA LEU B 188 -26.02 -21.58 24.05
C LEU B 188 -27.26 -22.10 23.35
N PRO B 189 -28.33 -21.27 23.29
CA PRO B 189 -29.46 -21.64 22.49
C PRO B 189 -29.08 -21.54 21.02
N SER B 190 -29.90 -22.14 20.19
CA SER B 190 -29.70 -22.14 18.76
C SER B 190 -30.10 -20.78 18.19
N HIS B 191 -29.13 -20.08 17.60
CA HIS B 191 -29.39 -18.88 16.85
C HIS B 191 -28.54 -18.89 15.61
N SER B 192 -29.08 -18.33 14.54
CA SER B 192 -28.37 -18.26 13.29
C SER B 192 -28.63 -16.89 12.66
N VAL B 193 -27.63 -16.04 12.65
CA VAL B 193 -27.78 -14.67 12.15
C VAL B 193 -26.74 -14.34 11.10
N ILE B 194 -27.11 -13.46 10.18
CA ILE B 194 -26.17 -13.02 9.17
C ILE B 194 -25.67 -11.62 9.50
N VAL B 195 -24.36 -11.50 9.58
CA VAL B 195 -23.73 -10.21 9.85
C VAL B 195 -23.27 -9.59 8.51
N PRO B 196 -23.64 -8.32 8.27
CA PRO B 196 -23.29 -7.62 7.04
C PRO B 196 -21.79 -7.51 6.88
N ARG B 197 -21.30 -7.55 5.65
CA ARG B 197 -19.85 -7.50 5.36
C ARG B 197 -19.03 -6.47 6.14
N LYS B 198 -19.53 -5.24 6.19
CA LYS B 198 -18.87 -4.16 6.90
C LYS B 198 -18.85 -4.37 8.38
N GLY B 199 -19.84 -5.07 8.90
CA GLY B 199 -19.91 -5.41 10.31
C GLY B 199 -18.88 -6.42 10.73
N VAL B 200 -18.66 -7.39 9.86
CA VAL B 200 -17.63 -8.39 10.09
C VAL B 200 -16.26 -7.72 10.17
N ILE B 201 -16.00 -6.84 9.22
CA ILE B 201 -14.74 -6.05 9.22
C ILE B 201 -14.56 -5.26 10.52
N GLU B 202 -15.63 -4.64 11.02
CA GLU B 202 -15.55 -3.87 12.28
C GLU B 202 -15.32 -4.70 13.53
N LEU B 203 -15.97 -5.86 13.59
CA LEU B 203 -15.65 -6.82 14.62
C LEU B 203 -14.17 -7.08 14.63
N MET B 204 -13.60 -7.40 13.47
CA MET B 204 -12.17 -7.67 13.39
C MET B 204 -11.35 -6.49 13.89
N ARG B 205 -11.67 -5.29 13.39
CA ARG B 205 -10.90 -4.09 13.72
C ARG B 205 -10.83 -3.80 15.22
N MET B 206 -11.83 -4.26 15.97
CA MET B 206 -12.00 -3.84 17.35
C MET B 206 -11.34 -4.79 18.34
N LEU B 207 -10.78 -5.88 17.83
CA LEU B 207 -10.11 -6.86 18.65
C LEU B 207 -8.66 -6.39 18.76
N ASP B 208 -8.28 -5.90 19.94
CA ASP B 208 -7.01 -5.19 20.10
C ASP B 208 -5.85 -6.17 20.16
N GLY B 209 -6.00 -7.26 20.92
CA GLY B 209 -4.93 -8.23 21.11
C GLY B 209 -4.52 -8.48 22.55
N GLY B 210 -5.13 -7.77 23.51
CA GLY B 210 -4.85 -7.96 24.94
C GLY B 210 -5.80 -8.93 25.66
N ASP B 211 -5.86 -8.80 26.98
CA ASP B 211 -6.60 -9.74 27.82
C ASP B 211 -8.11 -9.51 27.95
N ASN B 212 -8.61 -8.34 27.53
CA ASN B 212 -10.04 -8.04 27.57
C ASN B 212 -10.84 -9.08 26.77
N PRO B 213 -11.66 -9.90 27.45
CA PRO B 213 -12.52 -10.74 26.62
C PRO B 213 -13.60 -9.90 25.88
N LEU B 214 -14.35 -10.58 25.03
CA LEU B 214 -15.39 -10.01 24.21
C LEU B 214 -16.73 -10.45 24.79
N ARG B 215 -17.66 -9.53 24.96
CA ARG B 215 -19.01 -9.88 25.39
C ARG B 215 -19.84 -9.72 24.16
N VAL B 216 -20.54 -10.77 23.75
CA VAL B 216 -21.44 -10.70 22.61
C VAL B 216 -22.90 -10.80 23.05
N GLN B 217 -23.77 -10.04 22.40
CA GLN B 217 -25.21 -10.17 22.58
C GLN B 217 -25.88 -10.21 21.22
N ILE B 218 -26.83 -11.11 21.03
CA ILE B 218 -27.50 -11.24 19.75
C ILE B 218 -29.01 -11.21 19.98
N GLY B 219 -29.75 -10.48 19.15
CA GLY B 219 -31.22 -10.51 19.15
C GLY B 219 -31.73 -11.02 17.81
N SER B 220 -33.02 -10.89 17.59
CA SER B 220 -33.64 -11.30 16.33
C SER B 220 -33.08 -10.51 15.15
N ASN B 221 -32.73 -9.24 15.38
CA ASN B 221 -32.37 -8.31 14.31
C ASN B 221 -31.08 -7.55 14.49
N ASN B 222 -30.37 -7.80 15.59
CA ASN B 222 -29.14 -7.07 15.88
C ASN B 222 -28.11 -7.95 16.55
N ILE B 223 -26.85 -7.54 16.40
CA ILE B 223 -25.75 -8.12 17.16
C ILE B 223 -24.97 -6.99 17.83
N ARG B 224 -24.45 -7.27 19.02
CA ARG B 224 -23.60 -6.30 19.71
C ARG B 224 -22.36 -6.96 20.27
N ALA B 225 -21.24 -6.26 20.20
CA ALA B 225 -19.98 -6.74 20.79
C ALA B 225 -19.34 -5.66 21.62
N HIS B 226 -18.96 -6.01 22.85
CA HIS B 226 -18.26 -5.11 23.79
C HIS B 226 -16.83 -5.58 23.93
N VAL B 227 -15.87 -4.70 23.68
CA VAL B 227 -14.47 -4.93 24.02
C VAL B 227 -13.94 -3.67 24.64
N GLY B 228 -13.34 -3.76 25.83
CA GLY B 228 -12.79 -2.60 26.50
C GLY B 228 -13.84 -1.52 26.62
N ASP B 229 -13.50 -0.33 26.14
CA ASP B 229 -14.43 0.80 26.18
C ASP B 229 -15.10 1.08 24.83
N PHE B 230 -15.25 0.03 24.02
CA PHE B 230 -15.89 0.12 22.72
C PHE B 230 -17.12 -0.78 22.69
N ILE B 231 -18.18 -0.30 22.03
CA ILE B 231 -19.40 -1.10 21.82
C ILE B 231 -19.71 -1.03 20.34
N PHE B 232 -19.68 -2.17 19.67
CA PHE B 232 -20.08 -2.23 18.27
C PHE B 232 -21.48 -2.82 18.18
N THR B 233 -22.37 -2.19 17.43
CA THR B 233 -23.69 -2.77 17.22
C THR B 233 -24.00 -2.76 15.74
N SER B 234 -24.50 -3.86 15.21
CA SER B 234 -24.94 -3.89 13.80
C SER B 234 -26.35 -4.44 13.67
N LYS B 235 -27.11 -3.91 12.73
CA LYS B 235 -28.30 -4.58 12.25
C LYS B 235 -27.89 -5.87 11.50
N LEU B 236 -28.74 -6.89 11.57
CA LEU B 236 -28.48 -8.16 10.91
C LEU B 236 -29.11 -8.16 9.52
N VAL B 237 -28.58 -9.02 8.64
CA VAL B 237 -29.11 -9.15 7.29
C VAL B 237 -30.31 -10.08 7.34
N ASP B 238 -31.44 -9.56 6.86
CA ASP B 238 -32.74 -10.24 6.93
C ASP B 238 -32.89 -11.29 5.83
N GLY B 239 -32.18 -12.40 5.95
CA GLY B 239 -32.25 -13.47 4.94
C GLY B 239 -32.08 -14.86 5.48
N ARG B 240 -32.23 -15.85 4.61
CA ARG B 240 -32.07 -17.23 4.98
C ARG B 240 -30.82 -17.68 4.30
N PHE B 241 -29.79 -17.94 5.11
CA PHE B 241 -28.48 -18.36 4.63
C PHE B 241 -28.56 -19.81 4.18
N PRO B 242 -27.85 -20.18 3.10
CA PRO B 242 -27.83 -21.62 2.76
C PRO B 242 -27.22 -22.47 3.87
N ASP B 243 -27.63 -23.73 3.96
CA ASP B 243 -27.20 -24.62 5.05
C ASP B 243 -25.86 -25.28 4.72
N TYR B 244 -24.82 -25.03 5.54
CA TYR B 244 -23.47 -25.62 5.31
C TYR B 244 -23.47 -27.15 5.38
N ARG B 245 -24.36 -27.68 6.22
CA ARG B 245 -24.44 -29.12 6.44
C ARG B 245 -24.66 -29.87 5.13
N ARG B 246 -25.60 -29.39 4.32
CA ARG B 246 -25.92 -30.01 3.03
C ARG B 246 -24.99 -29.64 1.87
N VAL B 247 -23.94 -28.85 2.15
CA VAL B 247 -22.95 -28.51 1.14
C VAL B 247 -21.66 -29.31 1.34
N LEU B 248 -21.41 -29.79 2.55
CA LEU B 248 -20.22 -30.63 2.77
C LEU B 248 -20.40 -31.90 1.95
N PRO B 249 -19.37 -32.30 1.18
CA PRO B 249 -19.51 -33.52 0.39
C PRO B 249 -19.95 -34.70 1.25
N LYS B 250 -20.82 -35.55 0.71
CA LYS B 250 -21.43 -36.63 1.48
C LYS B 250 -20.49 -37.76 1.84
N ASN B 251 -19.83 -38.33 0.83
CA ASN B 251 -18.87 -39.40 1.05
C ASN B 251 -17.54 -39.18 0.33
N PRO B 252 -16.70 -38.28 0.88
CA PRO B 252 -15.32 -38.09 0.36
C PRO B 252 -14.27 -38.94 1.10
N ASP B 253 -14.24 -40.24 0.78
CA ASP B 253 -13.31 -41.19 1.39
C ASP B 253 -11.89 -41.16 0.80
N LYS B 254 -11.77 -40.70 -0.45
CA LYS B 254 -10.45 -40.44 -1.05
C LYS B 254 -9.80 -39.27 -0.31
N HIS B 255 -8.77 -39.59 0.49
CA HIS B 255 -8.18 -38.70 1.49
C HIS B 255 -6.71 -38.41 1.20
N LEU B 256 -6.39 -37.16 0.87
CA LEU B 256 -5.02 -36.75 0.61
C LEU B 256 -4.52 -35.84 1.70
N GLU B 257 -3.30 -36.07 2.16
CA GLU B 257 -2.68 -35.24 3.17
C GLU B 257 -1.33 -34.70 2.63
N ALA B 258 -1.08 -33.41 2.83
CA ALA B 258 0.12 -32.75 2.29
C ALA B 258 0.56 -31.59 3.17
N GLY B 259 1.82 -31.20 3.05
CA GLY B 259 2.35 -30.08 3.83
C GLY B 259 1.70 -28.82 3.31
N CYS B 260 1.25 -27.93 4.20
CA CYS B 260 0.47 -26.77 3.73
C CYS B 260 1.35 -25.89 2.83
N ASP B 261 2.56 -25.60 3.33
CA ASP B 261 3.48 -24.69 2.63
C ASP B 261 3.90 -25.27 1.29
N LEU B 262 4.36 -26.51 1.28
CA LEU B 262 4.71 -27.18 0.04
C LEU B 262 3.57 -27.15 -0.95
N LEU B 263 2.34 -27.37 -0.48
CA LEU B 263 1.20 -27.35 -1.37
C LEU B 263 0.94 -25.94 -1.91
N LYS B 264 0.98 -24.97 -1.00
CA LYS B 264 0.73 -23.56 -1.33
C LYS B 264 1.73 -23.06 -2.40
N GLN B 265 3.02 -23.29 -2.15
CA GLN B 265 4.04 -22.79 -3.04
C GLN B 265 4.00 -23.45 -4.40
N ALA B 266 3.58 -24.72 -4.43
CA ALA B 266 3.39 -25.39 -5.69
C ALA B 266 2.21 -24.85 -6.47
N PHE B 267 1.07 -24.63 -5.80
CA PHE B 267 -0.08 -24.05 -6.49
C PHE B 267 0.25 -22.63 -6.95
N ALA B 268 1.00 -21.91 -6.12
CA ALA B 268 1.39 -20.51 -6.40
C ALA B 268 2.22 -20.43 -7.67
N ARG B 269 3.21 -21.29 -7.78
CA ARG B 269 4.02 -21.32 -8.98
C ARG B 269 3.22 -21.80 -10.19
N ALA B 270 2.44 -22.87 -10.06
CA ALA B 270 1.65 -23.31 -11.19
C ALA B 270 0.66 -22.25 -11.66
N ALA B 271 0.11 -21.49 -10.70
CA ALA B 271 -0.84 -20.39 -11.02
C ALA B 271 -0.28 -19.41 -12.03
N ILE B 272 1.04 -19.23 -11.98
CA ILE B 272 1.69 -18.30 -12.90
C ILE B 272 1.38 -18.61 -14.35
N LEU B 273 1.26 -19.90 -14.72
CA LEU B 273 0.98 -20.27 -16.11
C LEU B 273 -0.46 -20.74 -16.33
N SER B 274 -1.34 -20.43 -15.38
CA SER B 274 -2.78 -20.67 -15.53
C SER B 274 -3.42 -19.53 -16.32
N ASN B 275 -4.53 -19.83 -16.99
CA ASN B 275 -5.36 -18.85 -17.66
C ASN B 275 -5.56 -17.61 -16.78
N GLU B 276 -5.34 -16.43 -17.35
CA GLU B 276 -5.32 -15.18 -16.57
C GLU B 276 -6.69 -14.87 -15.99
N LYS B 277 -7.74 -15.27 -16.70
CA LYS B 277 -9.10 -15.09 -16.25
C LYS B 277 -9.54 -16.23 -15.36
N PHE B 278 -9.60 -17.44 -15.92
CA PHE B 278 -10.23 -18.60 -15.28
C PHE B 278 -9.39 -19.32 -14.23
N ARG B 279 -8.07 -19.11 -14.26
CA ARG B 279 -7.16 -19.60 -13.21
C ARG B 279 -7.21 -21.10 -12.93
N GLY B 280 -7.54 -21.88 -13.96
CA GLY B 280 -7.67 -23.32 -13.78
C GLY B 280 -6.29 -23.94 -13.65
N VAL B 281 -6.16 -24.84 -12.68
CA VAL B 281 -5.08 -25.84 -12.62
C VAL B 281 -5.72 -27.25 -12.55
N ARG B 282 -4.98 -28.24 -13.00
CA ARG B 282 -5.40 -29.63 -12.89
C ARG B 282 -4.61 -30.34 -11.79
N LEU B 283 -5.29 -31.14 -10.99
CA LEU B 283 -4.64 -32.02 -10.02
C LEU B 283 -4.80 -33.46 -10.54
N TYR B 284 -3.70 -34.19 -10.60
CA TYR B 284 -3.70 -35.63 -10.86
C TYR B 284 -3.23 -36.23 -9.57
N VAL B 285 -4.11 -36.96 -8.90
CA VAL B 285 -3.72 -37.62 -7.70
C VAL B 285 -3.46 -39.08 -8.04
N SER B 286 -2.39 -39.63 -7.50
CA SER B 286 -1.98 -40.99 -7.76
C SER B 286 -1.29 -41.43 -6.49
N GLU B 287 -0.88 -42.70 -6.43
CA GLU B 287 -0.45 -43.26 -5.14
C GLU B 287 0.60 -42.36 -4.51
N ASN B 288 0.26 -41.75 -3.38
CA ASN B 288 1.16 -40.87 -2.63
C ASN B 288 1.80 -39.77 -3.45
N GLN B 289 1.16 -39.38 -4.54
CA GLN B 289 1.69 -38.31 -5.37
C GLN B 289 0.59 -37.39 -5.83
N LEU B 290 0.95 -36.11 -5.88
CA LEU B 290 0.10 -35.09 -6.42
C LEU B 290 0.86 -34.44 -7.56
N LYS B 291 0.22 -34.32 -8.71
CA LYS B 291 0.77 -33.54 -9.79
C LYS B 291 -0.18 -32.41 -10.08
N ILE B 292 0.32 -31.18 -9.90
CA ILE B 292 -0.39 -29.99 -10.28
C ILE B 292 0.14 -29.53 -11.61
N THR B 293 -0.76 -29.23 -12.53
CA THR B 293 -0.40 -28.61 -13.79
C THR B 293 -1.31 -27.45 -14.10
N ALA B 294 -0.73 -26.53 -14.83
CA ALA B 294 -1.43 -25.38 -15.31
C ALA B 294 -0.95 -25.17 -16.72
N ASN B 295 -1.86 -24.81 -17.60
CA ASN B 295 -1.45 -24.23 -18.86
C ASN B 295 -2.45 -23.17 -19.31
N ASN B 296 -1.96 -22.29 -20.17
CA ASN B 296 -2.74 -21.17 -20.64
C ASN B 296 -2.90 -21.34 -22.14
N PRO B 297 -3.69 -20.47 -22.78
CA PRO B 297 -3.90 -20.61 -24.22
C PRO B 297 -2.64 -20.65 -25.11
N GLU B 298 -1.57 -19.92 -24.75
CA GLU B 298 -0.29 -19.97 -25.50
C GLU B 298 0.46 -21.31 -25.36
N GLN B 299 -0.07 -22.21 -24.52
CA GLN B 299 0.50 -23.54 -24.30
C GLN B 299 1.85 -23.43 -23.61
N GLU B 300 1.91 -22.48 -22.67
CA GLU B 300 2.90 -22.52 -21.65
C GLU B 300 2.35 -23.51 -20.66
N GLU B 301 3.23 -24.17 -19.93
CA GLU B 301 2.87 -25.26 -19.04
C GLU B 301 3.68 -25.18 -17.79
N ALA B 302 3.04 -25.46 -16.66
CA ALA B 302 3.73 -25.62 -15.41
C ALA B 302 3.36 -26.98 -14.88
N GLU B 303 4.29 -27.60 -14.17
CA GLU B 303 4.04 -28.93 -13.62
C GLU B 303 4.80 -29.04 -12.33
N GLU B 304 4.07 -29.29 -11.26
CA GLU B 304 4.67 -29.50 -9.95
C GLU B 304 4.30 -30.89 -9.49
N ILE B 305 5.29 -31.65 -9.05
CA ILE B 305 5.06 -32.95 -8.50
C ILE B 305 5.40 -32.88 -7.01
N LEU B 306 4.52 -33.48 -6.20
CA LEU B 306 4.67 -33.44 -4.76
C LEU B 306 4.46 -34.85 -4.24
N ASP B 307 5.24 -35.20 -3.22
CA ASP B 307 4.97 -36.37 -2.41
C ASP B 307 3.86 -36.01 -1.44
N VAL B 308 2.84 -36.83 -1.39
CA VAL B 308 1.74 -36.66 -0.45
C VAL B 308 1.38 -38.03 0.07
N THR B 309 0.46 -38.07 1.04
CA THR B 309 -0.12 -39.34 1.48
C THR B 309 -1.46 -39.50 0.79
N TYR B 310 -1.56 -40.48 -0.11
CA TYR B 310 -2.82 -40.80 -0.77
C TYR B 310 -2.82 -42.27 -1.25
N SER B 311 -3.98 -42.94 -1.10
CA SER B 311 -4.17 -44.38 -1.37
C SER B 311 -5.25 -44.68 -2.42
N GLY B 312 -6.16 -43.74 -2.63
CA GLY B 312 -7.32 -43.99 -3.46
C GLY B 312 -7.06 -44.13 -4.94
N ALA B 313 -8.15 -44.30 -5.67
CA ALA B 313 -8.08 -44.34 -7.11
C ALA B 313 -7.55 -43.04 -7.65
N GLU B 314 -6.85 -43.15 -8.77
CA GLU B 314 -6.36 -42.00 -9.47
C GLU B 314 -7.53 -41.25 -10.00
N MET B 315 -7.34 -39.93 -10.12
CA MET B 315 -8.35 -39.08 -10.67
C MET B 315 -7.77 -37.73 -11.01
N GLU B 316 -8.54 -37.01 -11.79
CA GLU B 316 -8.14 -35.77 -12.36
C GLU B 316 -9.26 -34.83 -12.02
N ILE B 317 -8.92 -33.63 -11.56
CA ILE B 317 -9.94 -32.69 -11.16
C ILE B 317 -9.38 -31.28 -11.25
N GLY B 318 -10.24 -30.36 -11.69
CA GLY B 318 -9.83 -28.99 -12.03
C GLY B 318 -10.35 -28.03 -10.99
N PHE B 319 -9.47 -27.12 -10.55
CA PHE B 319 -9.87 -26.06 -9.63
C PHE B 319 -9.37 -24.70 -10.04
N ASN B 320 -10.13 -23.69 -9.65
CA ASN B 320 -9.68 -22.33 -9.67
C ASN B 320 -8.58 -22.29 -8.61
N VAL B 321 -7.37 -21.98 -9.05
CA VAL B 321 -6.23 -22.00 -8.13
C VAL B 321 -6.34 -20.88 -7.09
N SER B 322 -6.93 -19.75 -7.45
CA SER B 322 -7.17 -18.68 -6.47
C SER B 322 -8.01 -19.17 -5.30
N TYR B 323 -9.06 -19.95 -5.57
CA TYR B 323 -9.87 -20.53 -4.50
C TYR B 323 -9.05 -21.42 -3.61
N VAL B 324 -8.18 -22.22 -4.23
CA VAL B 324 -7.36 -23.15 -3.48
C VAL B 324 -6.33 -22.40 -2.65
N LEU B 325 -5.67 -21.42 -3.26
CA LEU B 325 -4.72 -20.58 -2.53
C LEU B 325 -5.32 -19.85 -1.31
N ASP B 326 -6.55 -19.33 -1.46
CA ASP B 326 -7.26 -18.63 -0.36
C ASP B 326 -7.44 -19.54 0.82
N VAL B 327 -7.77 -20.79 0.56
CA VAL B 327 -7.99 -21.76 1.61
C VAL B 327 -6.66 -22.00 2.33
N LEU B 328 -5.60 -22.21 1.56
CA LEU B 328 -4.30 -22.58 2.15
C LEU B 328 -3.70 -21.43 2.96
N ASN B 329 -3.98 -20.21 2.51
CA ASN B 329 -3.53 -19.02 3.24
C ASN B 329 -4.31 -18.82 4.54
N ALA B 330 -5.58 -19.21 4.55
CA ALA B 330 -6.42 -19.05 5.73
C ALA B 330 -6.16 -20.15 6.75
N LEU B 331 -5.65 -21.29 6.29
CA LEU B 331 -5.37 -22.42 7.19
C LEU B 331 -4.16 -22.22 8.12
N LYS B 332 -3.10 -21.56 7.67
CA LYS B 332 -1.96 -21.29 8.57
C LYS B 332 -1.63 -22.51 9.45
N CYS B 333 -1.46 -23.68 8.84
CA CYS B 333 -1.14 -24.89 9.59
C CYS B 333 -0.03 -25.68 8.88
N GLU B 334 0.42 -26.77 9.51
CA GLU B 334 1.48 -27.55 8.90
C GLU B 334 0.99 -28.45 7.79
N ASN B 335 -0.07 -29.21 8.08
CA ASN B 335 -0.58 -30.17 7.11
C ASN B 335 -2.03 -29.94 6.85
N VAL B 336 -2.40 -30.18 5.60
CA VAL B 336 -3.73 -30.01 5.10
C VAL B 336 -4.20 -31.40 4.69
N ARG B 337 -5.50 -31.63 4.83
CA ARG B 337 -6.17 -32.82 4.31
C ARG B 337 -7.14 -32.37 3.23
N MET B 338 -7.08 -33.00 2.06
CA MET B 338 -8.05 -32.77 0.97
C MET B 338 -8.93 -34.00 0.72
N MET B 339 -10.25 -33.81 0.76
CA MET B 339 -11.18 -34.93 0.75
C MET B 339 -11.95 -34.86 -0.57
N LEU B 340 -11.64 -35.81 -1.46
CA LEU B 340 -12.14 -35.84 -2.82
C LEU B 340 -13.17 -36.93 -3.05
N THR B 341 -13.94 -36.75 -4.11
CA THR B 341 -14.96 -37.74 -4.49
C THR B 341 -14.76 -38.18 -5.93
N ASP B 342 -15.09 -37.28 -6.86
CA ASP B 342 -14.89 -37.51 -8.30
C ASP B 342 -14.66 -36.17 -9.00
N SER B 343 -14.38 -36.21 -10.30
CA SER B 343 -13.96 -35.02 -11.03
C SER B 343 -15.02 -33.94 -11.21
N VAL B 344 -16.27 -34.28 -10.91
CA VAL B 344 -17.37 -33.34 -11.06
C VAL B 344 -17.96 -33.00 -9.70
N SER B 345 -17.28 -33.37 -8.62
CA SER B 345 -17.75 -33.08 -7.28
C SER B 345 -16.78 -32.20 -6.51
N SER B 346 -17.32 -31.49 -5.53
CA SER B 346 -16.54 -30.57 -4.68
CA SER B 346 -16.53 -30.56 -4.71
C SER B 346 -15.48 -31.29 -3.86
N VAL B 347 -14.43 -30.57 -3.48
CA VAL B 347 -13.41 -31.08 -2.57
C VAL B 347 -13.60 -30.40 -1.25
N GLN B 348 -13.39 -31.15 -0.18
CA GLN B 348 -13.41 -30.59 1.15
C GLN B 348 -11.98 -30.52 1.64
N ILE B 349 -11.60 -29.37 2.18
CA ILE B 349 -10.26 -29.16 2.67
C ILE B 349 -10.25 -28.76 4.12
N GLU B 350 -9.33 -29.32 4.87
CA GLU B 350 -9.23 -29.11 6.31
C GLU B 350 -7.78 -29.10 6.77
N ASP B 351 -7.55 -28.42 7.88
CA ASP B 351 -6.33 -28.66 8.61
C ASP B 351 -6.34 -30.16 8.86
N ALA B 352 -5.26 -30.87 8.51
CA ALA B 352 -5.14 -32.29 8.89
C ALA B 352 -5.25 -32.50 10.41
N ALA B 353 -4.83 -31.51 11.19
CA ALA B 353 -4.81 -31.60 12.65
C ALA B 353 -6.11 -31.20 13.34
N SER B 354 -7.04 -30.55 12.62
CA SER B 354 -8.27 -30.09 13.26
C SER B 354 -9.47 -29.98 12.33
N GLN B 355 -10.62 -30.46 12.81
CA GLN B 355 -11.86 -30.35 12.06
C GLN B 355 -12.61 -29.05 12.38
N SER B 356 -11.97 -28.12 13.10
CA SER B 356 -12.63 -26.86 13.46
C SER B 356 -13.02 -26.01 12.22
N ALA B 357 -12.13 -25.93 11.24
CA ALA B 357 -12.41 -25.25 9.99
C ALA B 357 -12.51 -26.28 8.86
N ALA B 358 -13.48 -26.07 7.95
CA ALA B 358 -13.59 -26.87 6.72
C ALA B 358 -13.96 -25.96 5.56
N TYR B 359 -13.44 -26.30 4.38
CA TYR B 359 -13.58 -25.48 3.19
C TYR B 359 -14.10 -26.32 2.06
N VAL B 360 -15.04 -25.81 1.29
CA VAL B 360 -15.57 -26.58 0.17
C VAL B 360 -15.35 -25.77 -1.08
N VAL B 361 -14.66 -26.37 -2.05
CA VAL B 361 -14.44 -25.73 -3.33
C VAL B 361 -15.01 -26.59 -4.44
N MET B 362 -15.80 -25.97 -5.31
CA MET B 362 -16.40 -26.69 -6.40
C MET B 362 -15.39 -26.77 -7.52
N PRO B 363 -15.42 -27.87 -8.29
CA PRO B 363 -14.46 -28.06 -9.38
C PRO B 363 -14.76 -27.15 -10.57
N MET B 364 -13.81 -27.01 -11.48
CA MET B 364 -14.12 -26.33 -12.73
C MET B 364 -14.07 -27.29 -13.92
N ARG B 365 -14.94 -27.03 -14.89
CA ARG B 365 -15.12 -27.87 -16.06
C ARG B 365 -13.82 -28.34 -16.70
N1 2HO C . 10.74 29.72 -15.40
C4 2HO C . 10.11 28.67 -13.24
C5 2HO C . 10.12 27.48 -12.50
C6 2HO C . 9.78 27.48 -11.15
C7 2HO C . 9.42 28.67 -10.52
F10 2HO C . 9.07 31.02 -10.68
C9 2HO C . 9.41 29.86 -11.27
F8 2HO C . 9.11 28.68 -9.22
C11 2HO C . 9.75 29.87 -12.61
C2 2HO C . 10.49 28.61 -14.70
O3 2HO C . 10.58 27.51 -15.24
CL CL D . 27.59 -13.47 -10.54
O1 PG4 E . 1.22 7.56 20.29
C1 PG4 E . 0.35 7.21 19.19
C2 PG4 E . 1.21 6.79 18.00
O2 PG4 E . 1.05 7.67 16.88
C3 PG4 E . 1.38 9.03 17.20
C4 PG4 E . 2.21 9.69 16.10
O3 PG4 E . 3.32 10.38 16.70
C5 PG4 E . 3.05 11.73 17.12
C6 PG4 E . 3.44 12.69 16.01
O4 PG4 E . 2.48 13.75 15.86
C7 PG4 E . 2.74 14.60 14.75
C8 PG4 E . 1.95 14.16 13.52
O5 PG4 E . 2.80 13.87 12.41
O1 PG4 F . -34.08 15.73 21.90
C1 PG4 F . -33.22 16.74 21.37
C2 PG4 F . -31.76 16.37 21.56
O2 PG4 F . -30.97 17.52 21.22
C3 PG4 F . -29.60 17.45 21.58
C4 PG4 F . -29.26 18.48 22.64
O3 PG4 F . -27.87 18.44 23.02
C5 PG4 F . -27.00 19.12 22.12
C6 PG4 F . -26.62 20.51 22.62
O4 PG4 F . -25.48 20.48 23.52
C7 PG4 F . -25.26 21.81 23.96
C8 PG4 F . -24.46 21.86 25.25
O5 PG4 F . -23.19 22.39 24.96
CA CA G . 0.27 16.93 27.73
CA CA H . -17.09 -27.08 11.79
C1 PEG I . -10.87 7.04 9.45
O1 PEG I . -11.44 8.28 9.02
C2 PEG I . -9.76 7.28 10.46
O2 PEG I . -8.47 7.27 9.83
C3 PEG I . -7.94 5.98 9.53
C4 PEG I . -6.43 6.12 9.39
O4 PEG I . -6.14 7.22 8.52
C1 EDO J . -0.51 -16.88 -3.52
O1 EDO J . 0.30 -16.92 -4.71
C2 EDO J . 0.30 -17.42 -2.35
O2 EDO J . -0.52 -17.51 -1.17
#